data_2J63
#
_entry.id   2J63
#
_cell.length_a   167.103
_cell.length_b   45.009
_cell.length_c   115.134
_cell.angle_alpha   90.00
_cell.angle_beta   116.79
_cell.angle_gamma   90.00
#
_symmetry.space_group_name_H-M   'C 1 2 1'
#
loop_
_entity.id
_entity.type
_entity.pdbx_description
1 polymer AP-ENDONUCLEASE
2 water water
#
_entity_poly.entity_id   1
_entity_poly.type   'polypeptide(L)'
_entity_poly.pdbx_seq_one_letter_code
;MGSSHHHHHHSSGLVPRGSHMASKRCRQCSGDSASSSTSSLSPSELPPSKKAAGGQRVTAEVEVAPITTDATSATVTAAG
GAKKKATTGSPARRTSSAAKITNGDAGELIRTAEALAALNAKKSEKEIWSDVVPFVRRTTDSDFDPSRMYKFITWNVAGL
RGLLKKNASALRAFMEAEKPDVLCLQETKLNVDEADANATLGVVDGYSFVDHPCAFKRGYSGTRTYMKNSTTVKGLHARC
TRGFALPSEPQADAAAGSRVLVEGAGDEEGRVLTTFLSPDPDSASSSSRIALVNTYVANSGMGLTRLPYRVQSFDPSMRE
YLHRLDTWATENAAVPSAAAMGSGSSPHGFIWAGDLNVAERDYDRYYAGTFKSMQECSGFAPEERMSFRETMQRTNSVDI
FRQLYPQAGPVYSFWSQRINGRPRNLGWRLDYFVVSSRLASYVVDCFPMPTVMGSDHCPFQMWMRHP
;
_entity_poly.pdbx_strand_id   A,B
#
# COMPACT_ATOMS: atom_id res chain seq x y z
N ILE A 110 20.96 31.36 -28.21
CA ILE A 110 19.62 30.75 -27.97
C ILE A 110 19.55 29.32 -28.54
N ARG A 111 20.12 29.13 -29.73
CA ARG A 111 19.90 27.91 -30.54
C ARG A 111 21.16 27.08 -30.78
N THR A 112 21.10 25.77 -30.52
CA THR A 112 22.28 24.88 -30.61
C THR A 112 22.90 24.83 -32.00
N ALA A 113 24.15 24.40 -32.06
CA ALA A 113 24.92 24.35 -33.31
C ALA A 113 24.24 23.49 -34.39
N GLU A 114 23.73 22.34 -33.97
CA GLU A 114 22.97 21.43 -34.84
C GLU A 114 21.75 22.09 -35.49
N ALA A 115 21.00 22.82 -34.69
CA ALA A 115 19.83 23.56 -35.14
C ALA A 115 20.22 24.65 -36.12
N LEU A 116 21.32 25.34 -35.82
CA LEU A 116 21.83 26.43 -36.63
C LEU A 116 22.25 25.93 -38.01
N ALA A 117 22.92 24.78 -38.04
CA ALA A 117 23.38 24.16 -39.29
C ALA A 117 22.21 23.85 -40.24
N ALA A 118 21.18 23.20 -39.69
CA ALA A 118 19.96 22.84 -40.44
C ALA A 118 19.15 24.06 -40.90
N LEU A 119 19.30 25.17 -40.19
CA LEU A 119 18.63 26.42 -40.54
C LEU A 119 19.25 27.10 -41.76
N ASN A 120 20.58 27.02 -41.90
CA ASN A 120 21.30 27.71 -42.97
C ASN A 120 21.32 26.98 -44.30
N ALA A 121 21.31 25.65 -44.25
CA ALA A 121 21.36 24.84 -45.45
C ALA A 121 20.16 25.10 -46.34
N LYS A 122 20.41 25.26 -47.64
CA LYS A 122 19.36 25.53 -48.60
C LYS A 122 18.73 24.26 -49.20
N LYS A 123 17.42 24.34 -49.44
CA LYS A 123 16.71 23.33 -50.18
C LYS A 123 15.64 24.04 -51.00
N SER A 124 15.68 23.85 -52.31
CA SER A 124 14.69 24.41 -53.23
C SER A 124 13.45 23.54 -53.21
N GLU A 125 12.33 24.11 -53.62
CA GLU A 125 11.08 23.38 -53.78
C GLU A 125 11.30 22.14 -54.63
N LYS A 126 11.98 22.34 -55.77
CA LYS A 126 12.35 21.29 -56.69
C LYS A 126 12.93 20.04 -56.01
N GLU A 127 13.85 20.24 -55.06
CA GLU A 127 14.63 19.13 -54.48
C GLU A 127 14.03 18.43 -53.25
N ILE A 128 12.96 19.00 -52.69
CA ILE A 128 12.21 18.28 -51.67
C ILE A 128 10.88 17.74 -52.19
N TRP A 129 10.30 18.41 -53.19
CA TRP A 129 9.08 17.91 -53.80
C TRP A 129 9.35 16.99 -55.00
N SER A 130 10.59 16.53 -55.12
CA SER A 130 11.02 15.64 -56.21
C SER A 130 10.35 14.27 -56.14
N ASP A 131 10.51 13.60 -54.99
CA ASP A 131 10.06 12.21 -54.83
C ASP A 131 8.63 12.16 -54.33
N VAL A 132 8.01 13.33 -54.20
CA VAL A 132 6.67 13.44 -53.63
C VAL A 132 5.61 13.16 -54.67
N VAL A 133 4.68 12.25 -54.36
CA VAL A 133 3.60 11.90 -55.27
C VAL A 133 2.23 12.34 -54.72
N PRO A 134 1.27 12.64 -55.59
CA PRO A 134 -0.04 13.06 -55.10
C PRO A 134 -0.68 12.04 -54.18
N PHE A 135 -1.50 12.52 -53.25
CA PHE A 135 -2.12 11.67 -52.27
C PHE A 135 -3.37 11.01 -52.80
N VAL A 136 -3.33 9.68 -52.92
CA VAL A 136 -4.52 8.92 -53.24
C VAL A 136 -4.83 7.93 -52.12
N ARG A 137 -5.92 8.21 -51.41
CA ARG A 137 -6.39 7.39 -50.29
C ARG A 137 -6.57 5.91 -50.69
N ARG A 138 -5.92 5.02 -49.95
CA ARG A 138 -5.94 3.59 -50.26
C ARG A 138 -7.30 2.90 -50.06
N THR A 139 -8.19 3.51 -49.28
CA THR A 139 -9.51 2.92 -49.05
C THR A 139 -10.64 3.82 -49.54
N THR A 140 -11.81 3.19 -49.66
CA THR A 140 -13.10 3.87 -49.86
C THR A 140 -13.91 3.63 -48.58
N ASP A 141 -14.91 4.48 -48.32
CA ASP A 141 -15.68 4.36 -47.09
C ASP A 141 -16.40 3.02 -46.88
N SER A 142 -16.59 2.27 -47.97
CA SER A 142 -17.27 1.00 -47.91
C SER A 142 -16.38 -0.17 -47.50
N ASP A 143 -15.08 0.10 -47.32
CA ASP A 143 -14.14 -0.89 -46.76
C ASP A 143 -14.27 -0.94 -45.24
N PHE A 144 -14.89 0.08 -44.66
CA PHE A 144 -15.03 0.14 -43.22
C PHE A 144 -15.98 -0.95 -42.70
N ASP A 145 -15.46 -1.83 -41.86
CA ASP A 145 -16.23 -2.89 -41.26
C ASP A 145 -16.40 -2.62 -39.76
N PRO A 146 -17.60 -2.14 -39.37
CA PRO A 146 -17.91 -1.72 -38.00
C PRO A 146 -17.79 -2.83 -36.98
N SER A 147 -17.80 -4.09 -37.42
CA SER A 147 -17.76 -5.22 -36.50
C SER A 147 -16.32 -5.63 -36.14
N ARG A 148 -15.37 -5.24 -36.97
CA ARG A 148 -13.99 -5.68 -36.79
C ARG A 148 -13.02 -4.49 -36.84
N MET A 149 -13.57 -3.29 -36.83
CA MET A 149 -12.77 -2.09 -36.85
C MET A 149 -13.26 -1.02 -35.88
N TYR A 150 -12.31 -0.21 -35.40
CA TYR A 150 -12.61 0.98 -34.63
C TYR A 150 -12.28 2.16 -35.50
N LYS A 151 -13.10 3.19 -35.44
CA LYS A 151 -12.84 4.45 -36.14
C LYS A 151 -12.48 5.53 -35.12
N PHE A 152 -11.28 6.09 -35.24
CA PHE A 152 -10.88 7.21 -34.39
C PHE A 152 -10.74 8.45 -35.27
N ILE A 153 -11.27 9.57 -34.81
CA ILE A 153 -10.93 10.80 -35.48
C ILE A 153 -10.48 11.90 -34.50
N THR A 154 -9.69 12.83 -35.02
CA THR A 154 -9.14 13.91 -34.23
C THR A 154 -9.44 15.17 -35.00
N TRP A 155 -9.73 16.25 -34.29
CA TRP A 155 -10.12 17.51 -34.93
C TRP A 155 -9.81 18.74 -34.05
N ASN A 156 -8.95 19.63 -34.56
CA ASN A 156 -8.77 20.92 -33.91
C ASN A 156 -9.88 21.84 -34.37
N VAL A 157 -10.76 22.27 -33.47
CA VAL A 157 -11.93 23.05 -33.88
C VAL A 157 -11.73 24.57 -33.78
N ALA A 158 -10.60 24.98 -33.19
CA ALA A 158 -10.26 26.39 -33.07
C ALA A 158 -11.41 27.21 -32.46
N GLY A 159 -11.92 26.76 -31.32
CA GLY A 159 -13.01 27.44 -30.65
C GLY A 159 -14.29 26.67 -30.84
N LEU A 160 -14.64 25.86 -29.85
CA LEU A 160 -15.81 25.02 -29.90
C LEU A 160 -17.10 25.83 -30.00
N ARG A 161 -17.20 26.88 -29.15
CA ARG A 161 -18.35 27.78 -29.15
C ARG A 161 -18.45 28.50 -30.48
N GLY A 162 -17.34 29.06 -30.94
CA GLY A 162 -17.24 29.71 -32.24
C GLY A 162 -17.75 28.82 -33.35
N LEU A 163 -17.28 27.58 -33.36
CA LEU A 163 -17.75 26.59 -34.33
C LEU A 163 -19.25 26.34 -34.24
N LEU A 164 -19.76 26.03 -33.05
CA LEU A 164 -21.18 25.70 -32.91
C LEU A 164 -22.10 26.90 -33.05
N LYS A 165 -21.55 28.11 -32.90
CA LYS A 165 -22.31 29.36 -33.12
C LYS A 165 -22.48 29.67 -34.60
N LYS A 166 -21.50 29.29 -35.40
CA LYS A 166 -21.62 29.44 -36.86
C LYS A 166 -22.52 28.36 -37.48
N ASN A 167 -22.79 27.29 -36.74
CA ASN A 167 -23.63 26.18 -37.18
C ASN A 167 -23.93 25.23 -36.03
N ALA A 168 -25.12 25.36 -35.45
CA ALA A 168 -25.53 24.61 -34.25
C ALA A 168 -25.44 23.09 -34.37
N SER A 169 -25.48 22.58 -35.59
CA SER A 169 -25.55 21.13 -35.83
C SER A 169 -24.21 20.50 -36.22
N ALA A 170 -23.14 21.31 -36.22
CA ALA A 170 -21.83 20.88 -36.68
C ALA A 170 -21.47 19.51 -36.16
N LEU A 171 -21.63 19.32 -34.85
CA LEU A 171 -21.28 18.04 -34.21
C LEU A 171 -22.33 16.97 -34.41
N ARG A 172 -23.61 17.36 -34.40
CA ARG A 172 -24.69 16.42 -34.69
C ARG A 172 -24.55 15.76 -36.07
N ALA A 173 -24.35 16.60 -37.09
CA ALA A 173 -24.31 16.12 -38.48
C ALA A 173 -23.08 15.29 -38.73
N PHE A 174 -21.97 15.71 -38.14
CA PHE A 174 -20.68 15.04 -38.30
C PHE A 174 -20.64 13.67 -37.64
N MET A 175 -21.14 13.59 -36.42
CA MET A 175 -21.24 12.32 -35.70
C MET A 175 -22.16 11.35 -36.41
N GLU A 176 -23.31 11.87 -36.86
CA GLU A 176 -24.30 11.08 -37.57
C GLU A 176 -23.69 10.44 -38.82
N ALA A 177 -23.01 11.25 -39.62
CA ALA A 177 -22.40 10.83 -40.87
C ALA A 177 -21.24 9.87 -40.69
N GLU A 178 -20.59 9.93 -39.53
CA GLU A 178 -19.32 9.26 -39.37
C GLU A 178 -19.31 8.16 -38.30
N LYS A 179 -20.20 8.26 -37.32
CA LYS A 179 -20.30 7.32 -36.20
C LYS A 179 -18.95 6.89 -35.62
N PRO A 180 -18.08 7.86 -35.27
CA PRO A 180 -16.73 7.46 -34.83
C PRO A 180 -16.79 6.85 -33.44
N ASP A 181 -15.88 5.95 -33.12
CA ASP A 181 -15.89 5.32 -31.80
C ASP A 181 -15.35 6.21 -30.70
N VAL A 182 -14.35 7.02 -31.07
CA VAL A 182 -13.94 8.11 -30.21
C VAL A 182 -13.53 9.27 -31.09
N LEU A 183 -13.96 10.47 -30.70
CA LEU A 183 -13.59 11.71 -31.39
C LEU A 183 -12.84 12.67 -30.45
N CYS A 184 -11.66 13.07 -30.87
CA CYS A 184 -10.76 13.90 -30.07
C CYS A 184 -10.72 15.34 -30.60
N LEU A 185 -11.13 16.26 -29.74
CA LEU A 185 -11.18 17.64 -30.16
C LEU A 185 -10.13 18.41 -29.40
N GLN A 186 -9.56 19.38 -30.07
CA GLN A 186 -8.67 20.28 -29.39
C GLN A 186 -8.96 21.77 -29.76
N GLU A 187 -8.45 22.70 -28.95
CA GLU A 187 -8.87 24.10 -28.96
C GLU A 187 -10.38 24.28 -28.79
N THR A 188 -10.93 23.69 -27.73
CA THR A 188 -12.31 23.91 -27.37
C THR A 188 -12.47 25.33 -26.83
N LYS A 189 -11.42 25.84 -26.20
CA LYS A 189 -11.42 27.18 -25.61
C LYS A 189 -12.51 27.40 -24.55
N LEU A 190 -12.99 26.31 -23.98
CA LEU A 190 -13.96 26.39 -22.87
C LEU A 190 -13.30 26.90 -21.61
N ASN A 191 -14.09 27.58 -20.78
CA ASN A 191 -13.60 28.10 -19.54
C ASN A 191 -13.91 27.17 -18.40
N VAL A 192 -12.97 27.09 -17.47
CA VAL A 192 -12.92 25.98 -16.53
C VAL A 192 -14.01 26.04 -15.46
N ASP A 193 -14.48 27.24 -15.13
CA ASP A 193 -15.49 27.43 -14.10
C ASP A 193 -16.91 27.19 -14.61
N GLU A 194 -17.05 27.07 -15.93
CA GLU A 194 -18.36 26.97 -16.56
C GLU A 194 -18.77 25.53 -16.85
N ALA A 195 -18.70 24.69 -15.82
CA ALA A 195 -18.95 23.26 -15.96
C ALA A 195 -20.32 22.98 -16.57
N ASP A 196 -21.37 23.54 -15.98
CA ASP A 196 -22.73 23.35 -16.50
C ASP A 196 -22.91 23.83 -17.94
N ALA A 197 -22.51 25.06 -18.26
CA ALA A 197 -22.55 25.54 -19.65
C ALA A 197 -21.77 24.59 -20.56
N ASN A 198 -20.63 24.11 -20.08
CA ASN A 198 -19.80 23.17 -20.84
C ASN A 198 -20.47 21.80 -21.07
N ALA A 199 -21.03 21.21 -20.02
CA ALA A 199 -21.63 19.88 -20.11
C ALA A 199 -22.90 19.81 -21.00
N THR A 200 -23.49 20.96 -21.30
CA THR A 200 -24.65 21.02 -22.18
C THR A 200 -24.29 21.54 -23.57
N LEU A 201 -23.02 21.81 -23.80
CA LEU A 201 -22.56 22.34 -25.09
C LEU A 201 -22.01 21.21 -25.95
N GLY A 202 -22.57 21.08 -27.16
CA GLY A 202 -22.12 20.07 -28.11
C GLY A 202 -22.46 18.66 -27.71
N VAL A 203 -23.60 18.47 -27.06
CA VAL A 203 -24.08 17.14 -26.68
C VAL A 203 -24.66 16.44 -27.91
N VAL A 204 -24.47 15.11 -27.99
CA VAL A 204 -24.88 14.31 -29.16
C VAL A 204 -25.35 12.93 -28.68
N ASP A 205 -26.52 12.46 -29.15
CA ASP A 205 -27.08 11.17 -28.70
C ASP A 205 -26.14 10.03 -29.03
N GLY A 206 -26.06 9.04 -28.14
CA GLY A 206 -25.19 7.85 -28.32
C GLY A 206 -23.74 8.06 -27.87
N TYR A 207 -23.45 9.26 -27.35
CA TYR A 207 -22.11 9.66 -26.99
C TYR A 207 -21.98 10.28 -25.61
N SER A 208 -20.91 9.92 -24.92
CA SER A 208 -20.48 10.63 -23.72
C SER A 208 -19.28 11.47 -24.14
N PHE A 209 -19.08 12.62 -23.49
CA PHE A 209 -17.83 13.34 -23.63
C PHE A 209 -17.26 13.77 -22.31
N VAL A 210 -15.95 13.84 -22.26
CA VAL A 210 -15.22 14.36 -21.11
C VAL A 210 -14.51 15.64 -21.57
N ASP A 211 -14.53 16.68 -20.71
CA ASP A 211 -13.89 17.96 -20.98
C ASP A 211 -12.63 18.13 -20.16
N HIS A 212 -11.64 18.79 -20.76
CA HIS A 212 -10.45 19.20 -20.03
C HIS A 212 -10.14 20.61 -20.49
N PRO A 213 -10.88 21.60 -19.96
CA PRO A 213 -10.66 22.99 -20.36
C PRO A 213 -9.43 23.61 -19.69
N CYS A 214 -8.80 24.53 -20.38
CA CYS A 214 -7.63 25.21 -19.91
C CYS A 214 -7.97 26.11 -18.70
N ALA A 215 -7.23 25.95 -17.60
CA ALA A 215 -7.41 26.77 -16.41
C ALA A 215 -6.53 28.00 -16.42
N PHE A 216 -5.31 27.87 -16.91
CA PHE A 216 -4.36 28.95 -16.74
C PHE A 216 -4.60 30.18 -17.66
N LYS A 217 -5.56 30.08 -18.58
CA LYS A 217 -5.93 31.18 -19.44
C LYS A 217 -7.36 30.91 -19.94
N ARG A 218 -8.21 31.94 -19.90
CA ARG A 218 -9.63 31.81 -20.32
C ARG A 218 -9.77 31.89 -21.85
N GLY A 219 -10.67 31.07 -22.39
CA GLY A 219 -10.91 31.02 -23.84
C GLY A 219 -9.67 30.61 -24.62
N TYR A 220 -9.03 29.54 -24.17
CA TYR A 220 -7.73 29.20 -24.72
C TYR A 220 -7.53 27.71 -24.63
N SER A 221 -6.84 27.16 -25.62
CA SER A 221 -6.42 25.77 -25.54
C SER A 221 -7.66 24.87 -25.32
N GLY A 222 -7.59 23.91 -24.39
CA GLY A 222 -8.74 23.09 -24.05
C GLY A 222 -8.99 21.89 -24.96
N THR A 223 -9.55 20.85 -24.37
CA THR A 223 -9.45 19.55 -24.95
C THR A 223 -10.69 18.78 -24.53
N ARG A 224 -11.22 17.99 -25.46
CA ARG A 224 -12.45 17.22 -25.21
C ARG A 224 -12.43 15.92 -26.02
N THR A 225 -12.94 14.84 -25.41
CA THR A 225 -13.04 13.57 -26.10
C THR A 225 -14.43 13.00 -25.98
N TYR A 226 -14.95 12.59 -27.13
CA TYR A 226 -16.22 11.89 -27.24
C TYR A 226 -15.97 10.41 -27.32
N MET A 227 -16.79 9.65 -26.60
CA MET A 227 -16.80 8.21 -26.71
C MET A 227 -18.20 7.69 -27.01
N LYS A 228 -18.29 6.82 -28.02
CA LYS A 228 -19.54 6.16 -28.39
C LYS A 228 -19.94 5.20 -27.27
N ASN A 229 -21.17 5.36 -26.79
CA ASN A 229 -21.68 4.61 -25.63
C ASN A 229 -21.62 3.09 -25.82
N SER A 230 -22.16 2.62 -26.94
CA SER A 230 -22.12 1.19 -27.33
C SER A 230 -20.71 0.60 -27.35
N THR A 231 -19.92 0.95 -28.37
CA THR A 231 -18.58 0.39 -28.60
C THR A 231 -17.53 0.79 -27.54
N THR A 232 -17.50 2.07 -27.20
CA THR A 232 -16.39 2.59 -26.42
C THR A 232 -16.61 2.64 -24.90
N VAL A 233 -17.68 3.32 -24.46
CA VAL A 233 -18.02 3.39 -23.04
C VAL A 233 -18.26 2.00 -22.45
N LYS A 234 -18.92 1.22 -23.07
CA LYS A 234 -19.26 -0.07 -22.48
C LYS A 234 -18.40 -1.20 -23.06
N GLY A 235 -18.39 -1.32 -24.36
CA GLY A 235 -17.58 -2.38 -24.97
C GLY A 235 -16.10 -2.30 -24.67
N LEU A 236 -15.58 -1.08 -24.59
CA LEU A 236 -14.18 -0.89 -24.25
C LEU A 236 -13.95 -0.41 -22.80
N HIS A 237 -15.00 -0.35 -21.99
CA HIS A 237 -14.88 -0.01 -20.55
C HIS A 237 -14.06 1.26 -20.31
N ALA A 238 -14.35 2.29 -21.08
CA ALA A 238 -13.43 3.41 -21.21
C ALA A 238 -13.43 4.30 -19.98
N ARG A 239 -12.24 4.61 -19.47
CA ARG A 239 -12.08 5.56 -18.34
C ARG A 239 -11.12 6.64 -18.82
N CYS A 240 -11.30 7.88 -18.34
CA CYS A 240 -10.37 8.94 -18.70
C CYS A 240 -9.55 9.54 -17.55
N THR A 241 -8.41 10.12 -17.87
CA THR A 241 -7.70 10.99 -16.96
C THR A 241 -7.36 12.28 -17.68
N ARG A 242 -7.03 13.32 -16.92
CA ARG A 242 -6.52 14.55 -17.48
C ARG A 242 -5.06 14.71 -17.05
N GLY A 243 -4.29 15.39 -17.86
CA GLY A 243 -2.90 15.62 -17.55
C GLY A 243 -2.03 14.39 -17.73
N PHE A 244 -0.89 14.39 -17.04
CA PHE A 244 0.08 13.29 -17.20
C PHE A 244 -0.11 12.18 -16.14
N ALA A 245 -1.37 11.75 -15.93
CA ALA A 245 -1.72 10.73 -14.90
C ALA A 245 -2.15 9.39 -15.46
N LEU A 246 -1.78 8.32 -14.78
CA LEU A 246 -2.40 7.03 -15.01
C LEU A 246 -3.66 6.90 -14.13
N PRO A 247 -4.57 5.96 -14.47
CA PRO A 247 -5.81 5.75 -13.68
C PRO A 247 -5.59 5.33 -12.20
N SER A 248 -6.70 5.31 -11.45
CA SER A 248 -6.73 5.03 -10.00
C SER A 248 -6.05 3.74 -9.54
N GLU A 249 -6.69 2.60 -9.79
CA GLU A 249 -6.22 1.33 -9.24
C GLU A 249 -5.10 0.74 -10.10
N LEU A 261 -16.55 8.42 -16.89
CA LEU A 261 -15.77 8.44 -15.67
C LEU A 261 -14.40 9.10 -15.88
N VAL A 262 -14.15 10.19 -15.17
CA VAL A 262 -12.92 10.95 -15.33
C VAL A 262 -12.18 11.18 -13.99
N GLU A 263 -10.90 11.56 -14.08
CA GLU A 263 -9.98 11.53 -12.94
C GLU A 263 -8.90 12.62 -13.01
N GLY A 264 -8.76 13.35 -11.91
CA GLY A 264 -7.74 14.39 -11.78
C GLY A 264 -8.08 15.68 -12.49
N ALA A 265 -7.55 16.79 -11.98
CA ALA A 265 -7.70 18.08 -12.65
C ALA A 265 -6.75 18.20 -13.84
N GLY A 266 -5.62 17.50 -13.77
CA GLY A 266 -4.65 17.46 -14.89
C GLY A 266 -3.84 18.71 -15.14
N ASP A 267 -3.14 18.76 -16.25
CA ASP A 267 -2.28 19.91 -16.61
C ASP A 267 -3.11 21.19 -16.74
N GLU A 268 -2.57 22.27 -16.19
CA GLU A 268 -3.29 23.53 -16.10
C GLU A 268 -3.64 24.15 -17.46
N GLU A 269 -2.95 23.76 -18.53
CA GLU A 269 -3.23 24.35 -19.86
C GLU A 269 -4.26 23.54 -20.67
N GLY A 270 -4.77 22.45 -20.07
CA GLY A 270 -5.81 21.65 -20.73
C GLY A 270 -5.34 20.87 -21.95
N ARG A 271 -4.10 20.43 -21.97
CA ARG A 271 -3.55 19.99 -23.24
C ARG A 271 -3.61 18.50 -23.42
N VAL A 272 -3.83 17.73 -22.35
CA VAL A 272 -3.70 16.30 -22.38
C VAL A 272 -4.88 15.58 -21.75
N LEU A 273 -5.62 14.84 -22.56
CA LEU A 273 -6.81 14.09 -22.11
C LEU A 273 -6.64 12.65 -22.60
N THR A 274 -6.62 11.68 -21.70
CA THR A 274 -6.36 10.30 -22.11
C THR A 274 -7.58 9.41 -21.86
N THR A 275 -7.85 8.52 -22.80
CA THR A 275 -8.96 7.59 -22.67
C THR A 275 -8.38 6.18 -22.63
N PHE A 276 -8.65 5.43 -21.58
CA PHE A 276 -8.11 4.08 -21.45
C PHE A 276 -9.14 3.03 -21.87
N LEU A 277 -8.73 2.13 -22.76
CA LEU A 277 -9.64 1.20 -23.46
C LEU A 277 -9.20 -0.25 -23.37
N SER A 278 -10.12 -1.13 -22.97
CA SER A 278 -9.90 -2.58 -22.93
C SER A 278 -11.23 -3.36 -23.09
N PRO A 279 -11.23 -4.46 -23.88
CA PRO A 279 -12.43 -5.33 -23.86
C PRO A 279 -12.63 -6.04 -22.52
N ASP A 280 -11.57 -6.17 -21.71
CA ASP A 280 -11.70 -6.62 -20.33
C ASP A 280 -10.65 -5.97 -19.40
N PRO A 281 -11.09 -5.12 -18.44
CA PRO A 281 -10.16 -4.53 -17.44
C PRO A 281 -9.60 -5.56 -16.44
N ASP A 282 -8.34 -5.38 -16.05
CA ASP A 282 -7.71 -6.29 -15.10
C ASP A 282 -7.69 -7.72 -15.64
N SER A 287 -5.40 -9.02 -21.48
CA SER A 287 -5.99 -8.80 -22.80
C SER A 287 -5.59 -7.44 -23.34
N SER A 288 -6.36 -6.95 -24.31
CA SER A 288 -5.94 -5.81 -25.13
C SER A 288 -6.12 -4.42 -24.48
N ARG A 289 -5.02 -3.74 -24.18
CA ARG A 289 -5.08 -2.39 -23.65
C ARG A 289 -4.66 -1.32 -24.69
N ILE A 290 -5.47 -0.28 -24.87
CA ILE A 290 -5.05 0.89 -25.71
C ILE A 290 -5.24 2.17 -24.91
N ALA A 291 -4.22 3.01 -24.89
CA ALA A 291 -4.36 4.35 -24.31
C ALA A 291 -4.41 5.32 -25.46
N LEU A 292 -5.55 5.99 -25.63
CA LEU A 292 -5.65 7.01 -26.67
C LEU A 292 -5.52 8.44 -26.05
N VAL A 293 -4.42 9.12 -26.36
CA VAL A 293 -4.09 10.42 -25.75
C VAL A 293 -4.50 11.56 -26.68
N ASN A 294 -5.49 12.33 -26.25
CA ASN A 294 -5.96 13.48 -27.00
C ASN A 294 -5.06 14.63 -26.61
N THR A 295 -4.36 15.22 -27.58
CA THR A 295 -3.32 16.16 -27.25
C THR A 295 -3.37 17.41 -28.10
N TYR A 296 -3.34 18.55 -27.42
CA TYR A 296 -3.11 19.82 -28.08
C TYR A 296 -1.74 20.36 -27.64
N VAL A 297 -0.73 20.07 -28.46
CA VAL A 297 0.63 20.44 -28.15
C VAL A 297 0.76 21.95 -28.15
N ALA A 298 1.53 22.47 -27.20
CA ALA A 298 1.83 23.91 -27.11
C ALA A 298 2.55 24.45 -28.35
N ASN A 299 1.93 25.42 -29.00
CA ASN A 299 2.55 26.15 -30.11
C ASN A 299 3.77 26.92 -29.62
N SER A 300 4.84 26.98 -30.40
CA SER A 300 6.04 27.76 -30.01
C SER A 300 5.84 29.27 -30.14
N GLY A 301 4.65 29.67 -30.57
CA GLY A 301 4.31 31.10 -30.65
C GLY A 301 4.92 31.88 -31.81
N MET A 302 4.36 33.07 -32.02
CA MET A 302 4.70 33.94 -33.14
C MET A 302 6.21 34.23 -33.34
N GLY A 303 6.95 34.53 -32.28
CA GLY A 303 8.37 34.82 -32.49
C GLY A 303 9.28 33.62 -32.34
N LEU A 304 8.69 32.42 -32.41
CA LEU A 304 9.26 31.23 -31.77
C LEU A 304 9.51 31.55 -30.29
N THR A 305 8.65 32.40 -29.73
CA THR A 305 8.85 32.95 -28.39
C THR A 305 8.78 31.86 -27.32
N ARG A 306 7.84 30.92 -27.47
CA ARG A 306 7.64 29.93 -26.45
C ARG A 306 8.27 28.59 -26.86
N LEU A 307 9.17 28.69 -27.84
CA LEU A 307 9.97 27.56 -28.30
C LEU A 307 10.78 26.89 -27.18
N PRO A 308 11.34 27.67 -26.23
CA PRO A 308 12.07 27.00 -25.18
C PRO A 308 11.14 26.22 -24.28
N TYR A 309 9.91 26.69 -24.14
CA TYR A 309 8.93 25.98 -23.37
C TYR A 309 8.54 24.66 -24.06
N ARG A 310 8.29 24.72 -25.37
CA ARG A 310 7.89 23.54 -26.14
C ARG A 310 8.92 22.45 -26.04
N VAL A 311 10.18 22.86 -26.18
CA VAL A 311 11.26 21.93 -26.34
C VAL A 311 11.82 21.43 -25.00
N GLN A 312 11.72 22.23 -23.94
CA GLN A 312 12.41 21.92 -22.69
C GLN A 312 11.45 21.50 -21.56
N SER A 313 10.20 21.92 -21.67
CA SER A 313 9.20 21.59 -20.68
C SER A 313 8.11 20.68 -21.25
N PHE A 314 7.50 21.06 -22.35
CA PHE A 314 6.38 20.28 -22.83
C PHE A 314 6.76 18.94 -23.44
N ASP A 315 7.55 18.97 -24.51
CA ASP A 315 7.96 17.75 -25.20
C ASP A 315 8.60 16.69 -24.29
N PRO A 316 9.50 17.10 -23.39
CA PRO A 316 10.06 16.10 -22.48
C PRO A 316 9.01 15.49 -21.52
N SER A 317 8.05 16.29 -21.10
CA SER A 317 6.97 15.80 -20.24
C SER A 317 6.07 14.89 -21.00
N MET A 318 5.85 15.19 -22.27
CA MET A 318 5.02 14.34 -23.14
C MET A 318 5.70 12.97 -23.38
N ARG A 319 7.02 13.00 -23.59
CA ARG A 319 7.83 11.81 -23.83
C ARG A 319 7.73 10.83 -22.64
N GLU A 320 7.90 11.38 -21.44
CA GLU A 320 7.85 10.60 -20.25
C GLU A 320 6.46 9.93 -20.09
N TYR A 321 5.39 10.67 -20.35
CA TYR A 321 4.03 10.18 -20.14
C TYR A 321 3.70 9.03 -21.11
N LEU A 322 3.99 9.26 -22.39
CA LEU A 322 3.86 8.23 -23.42
C LEU A 322 4.60 6.96 -23.07
N HIS A 323 5.79 7.07 -22.44
CA HIS A 323 6.51 5.86 -22.07
C HIS A 323 5.77 5.08 -21.00
N ARG A 324 5.34 5.81 -19.99
CA ARG A 324 4.58 5.30 -18.89
C ARG A 324 3.24 4.68 -19.34
N LEU A 325 2.58 5.27 -20.33
CA LEU A 325 1.34 4.71 -20.88
C LEU A 325 1.64 3.42 -21.59
N ASP A 326 2.76 3.41 -22.31
CA ASP A 326 3.11 2.24 -23.09
C ASP A 326 3.44 1.12 -22.11
N THR A 327 4.03 1.44 -20.96
CA THR A 327 4.26 0.40 -19.96
C THR A 327 2.98 -0.07 -19.26
N TRP A 328 2.02 0.84 -19.12
CA TRP A 328 0.69 0.48 -18.64
C TRP A 328 0.00 -0.54 -19.54
N ALA A 329 0.07 -0.31 -20.84
CA ALA A 329 -0.60 -1.15 -21.82
C ALA A 329 0.09 -2.49 -22.02
N THR A 330 1.37 -2.52 -21.71
CA THR A 330 2.27 -3.54 -22.19
C THR A 330 2.75 -4.42 -21.06
N GLU A 331 3.77 -3.96 -20.35
CA GLU A 331 4.44 -4.78 -19.34
C GLU A 331 3.43 -5.30 -18.30
N ASN A 332 2.35 -4.54 -18.11
CA ASN A 332 1.24 -4.99 -17.27
C ASN A 332 0.55 -6.23 -17.84
N ALA A 333 0.01 -6.09 -19.04
CA ALA A 333 -0.99 -7.04 -19.54
C ALA A 333 -0.32 -8.25 -20.16
N ALA A 334 0.37 -8.04 -21.28
CA ALA A 334 0.92 -9.14 -22.06
C ALA A 334 1.57 -10.19 -21.17
N SER A 345 2.14 -6.75 -34.14
CA SER A 345 2.65 -7.74 -33.19
C SER A 345 1.61 -8.05 -32.12
N SER A 346 1.07 -7.01 -31.50
CA SER A 346 0.27 -7.17 -30.28
C SER A 346 -0.73 -5.98 -30.14
N PRO A 347 -2.02 -6.25 -29.76
CA PRO A 347 -3.04 -5.19 -29.78
C PRO A 347 -2.98 -4.38 -28.47
N HIS A 348 -1.77 -3.94 -28.12
CA HIS A 348 -1.47 -3.24 -26.90
C HIS A 348 -0.53 -2.09 -27.22
N GLY A 349 -0.84 -0.90 -26.70
CA GLY A 349 0.05 0.24 -26.80
C GLY A 349 -0.74 1.52 -26.67
N PHE A 350 -0.18 2.59 -27.22
CA PHE A 350 -0.80 3.88 -27.15
C PHE A 350 -1.01 4.48 -28.53
N ILE A 351 -2.00 5.35 -28.65
CA ILE A 351 -2.23 6.12 -29.84
C ILE A 351 -2.20 7.57 -29.37
N TRP A 352 -1.22 8.30 -29.88
CA TRP A 352 -1.03 9.68 -29.56
C TRP A 352 -1.65 10.46 -30.70
N ALA A 353 -2.81 11.05 -30.43
CA ALA A 353 -3.58 11.73 -31.47
C ALA A 353 -3.75 13.20 -31.17
N GLY A 354 -3.77 14.02 -32.23
CA GLY A 354 -4.22 15.37 -32.07
C GLY A 354 -3.40 16.32 -32.88
N ASP A 355 -3.35 17.56 -32.41
CA ASP A 355 -2.67 18.62 -33.10
C ASP A 355 -1.32 18.74 -32.44
N LEU A 356 -0.31 18.19 -33.10
CA LEU A 356 1.00 18.09 -32.48
C LEU A 356 1.86 19.31 -32.80
N ASN A 357 1.30 20.26 -33.56
CA ASN A 357 2.00 21.50 -33.90
C ASN A 357 3.43 21.31 -34.39
N VAL A 358 3.56 20.47 -35.39
CA VAL A 358 4.85 20.22 -35.99
C VAL A 358 4.58 19.66 -37.36
N ALA A 359 5.33 20.13 -38.36
CA ALA A 359 5.26 19.55 -39.67
C ALA A 359 6.57 18.82 -39.91
N GLU A 360 6.57 17.49 -39.78
CA GLU A 360 7.86 16.79 -39.71
C GLU A 360 8.54 16.49 -41.03
N ARG A 361 7.80 16.20 -42.10
CA ARG A 361 8.44 16.07 -43.40
C ARG A 361 8.69 17.46 -43.98
N ASP A 362 9.76 17.57 -44.74
CA ASP A 362 10.10 18.79 -45.47
C ASP A 362 8.90 19.20 -46.35
N TYR A 363 8.13 18.21 -46.78
CA TYR A 363 6.95 18.44 -47.62
C TYR A 363 5.65 18.47 -46.82
N ASP A 364 5.76 18.48 -45.48
CA ASP A 364 4.60 18.57 -44.60
C ASP A 364 4.06 20.01 -44.46
N ARG A 365 4.63 20.94 -45.23
CA ARG A 365 4.06 22.29 -45.39
C ARG A 365 4.43 22.87 -46.75
N TYR A 366 3.57 23.74 -47.28
CA TYR A 366 3.82 24.37 -48.57
C TYR A 366 5.15 25.13 -48.55
N TYR A 367 5.76 25.23 -49.72
CA TYR A 367 7.04 25.93 -49.87
C TYR A 367 6.78 27.38 -50.26
N ALA A 368 7.45 28.29 -49.56
CA ALA A 368 7.38 29.73 -49.82
C ALA A 368 8.67 30.38 -49.32
N GLY A 369 9.15 31.40 -50.03
CA GLY A 369 10.38 32.07 -49.64
C GLY A 369 11.59 31.16 -49.73
N THR A 370 12.43 31.16 -48.70
CA THR A 370 13.54 30.21 -48.60
C THR A 370 13.28 29.15 -47.53
N PHE A 371 14.01 28.04 -47.61
CA PHE A 371 13.93 27.01 -46.59
C PHE A 371 14.31 27.57 -45.22
N LYS A 372 15.33 28.42 -45.19
CA LYS A 372 15.70 29.16 -43.97
C LYS A 372 14.49 29.90 -43.37
N SER A 373 13.79 30.66 -44.21
CA SER A 373 12.65 31.47 -43.78
C SER A 373 11.46 30.62 -43.36
N MET A 374 11.37 29.43 -43.95
CA MET A 374 10.31 28.48 -43.63
C MET A 374 10.50 27.91 -42.23
N GLN A 375 11.74 27.67 -41.86
CA GLN A 375 12.10 27.10 -40.56
C GLN A 375 12.03 28.13 -39.42
N GLU A 376 11.59 29.33 -39.76
CA GLU A 376 11.40 30.40 -38.77
C GLU A 376 9.96 30.44 -38.27
N CYS A 377 9.08 29.72 -38.93
CA CYS A 377 7.69 29.65 -38.51
C CYS A 377 7.50 28.56 -37.44
N SER A 378 6.70 28.84 -36.42
CA SER A 378 6.42 27.85 -35.38
C SER A 378 5.71 26.64 -35.98
N GLY A 379 6.25 25.47 -35.70
CA GLY A 379 5.76 24.22 -36.29
C GLY A 379 6.79 23.62 -37.21
N PHE A 380 7.69 24.47 -37.71
CA PHE A 380 8.72 24.05 -38.65
C PHE A 380 10.13 24.41 -38.18
N ALA A 381 10.24 24.88 -36.94
CA ALA A 381 11.56 25.15 -36.37
C ALA A 381 12.36 23.87 -36.24
N PRO A 382 13.68 23.96 -36.48
CA PRO A 382 14.54 22.78 -36.37
C PRO A 382 14.35 21.99 -35.09
N GLU A 383 14.35 22.63 -33.92
CA GLU A 383 14.22 21.92 -32.63
C GLU A 383 12.87 21.21 -32.48
N GLU A 384 11.81 21.82 -33.00
CA GLU A 384 10.48 21.21 -32.96
C GLU A 384 10.43 19.87 -33.70
N ARG A 385 11.00 19.86 -34.90
CA ARG A 385 10.99 18.67 -35.73
C ARG A 385 11.85 17.56 -35.12
N MET A 386 13.06 17.91 -34.66
CA MET A 386 13.99 16.92 -34.05
C MET A 386 13.44 16.32 -32.75
N SER A 387 12.72 17.14 -31.98
CA SER A 387 12.17 16.73 -30.71
C SER A 387 11.03 15.71 -30.91
N PHE A 388 10.20 15.97 -31.92
CA PHE A 388 9.11 15.09 -32.28
C PHE A 388 9.65 13.76 -32.80
N ARG A 389 10.63 13.82 -33.69
CA ARG A 389 11.29 12.60 -34.16
C ARG A 389 11.85 11.84 -32.99
N GLU A 390 12.36 12.57 -32.01
CA GLU A 390 13.02 11.96 -30.89
C GLU A 390 12.02 11.24 -30.01
N THR A 391 10.87 11.88 -29.79
CA THR A 391 9.76 11.29 -29.08
C THR A 391 9.30 9.99 -29.70
N MET A 392 9.10 9.98 -31.02
CA MET A 392 8.67 8.74 -31.72
C MET A 392 9.70 7.64 -31.55
N GLN A 393 10.95 8.06 -31.56
CA GLN A 393 12.06 7.16 -31.37
C GLN A 393 12.14 6.64 -29.94
N ARG A 394 12.17 7.54 -28.96
CA ARG A 394 12.31 7.19 -27.56
C ARG A 394 11.13 6.33 -27.03
N THR A 395 9.94 6.50 -27.63
CA THR A 395 8.74 5.80 -27.20
C THR A 395 8.37 4.64 -28.11
N ASN A 396 9.15 4.43 -29.18
CA ASN A 396 8.92 3.31 -30.10
C ASN A 396 7.54 3.35 -30.79
N SER A 397 7.31 4.44 -31.51
CA SER A 397 6.06 4.68 -32.15
C SER A 397 6.28 5.35 -33.51
N VAL A 398 5.21 5.37 -34.31
CA VAL A 398 5.29 5.77 -35.67
C VAL A 398 4.15 6.67 -36.00
N ASP A 399 4.48 7.66 -36.83
CA ASP A 399 3.54 8.53 -37.51
C ASP A 399 2.79 7.64 -38.51
N ILE A 400 1.62 7.15 -38.11
CA ILE A 400 1.00 6.11 -38.94
C ILE A 400 0.66 6.58 -40.35
N PHE A 401 0.31 7.85 -40.52
CA PHE A 401 0.07 8.35 -41.86
C PHE A 401 1.30 8.17 -42.75
N ARG A 402 2.50 8.45 -42.25
CA ARG A 402 3.71 8.33 -43.07
C ARG A 402 4.24 6.91 -43.21
N GLN A 403 3.64 5.98 -42.48
CA GLN A 403 3.89 4.57 -42.70
C GLN A 403 3.04 4.08 -43.87
N LEU A 404 1.82 4.59 -44.01
CA LEU A 404 0.95 4.19 -45.14
C LEU A 404 1.20 5.01 -46.42
N TYR A 405 1.60 6.27 -46.27
CA TYR A 405 1.83 7.12 -47.43
C TYR A 405 3.11 7.92 -47.21
N PRO A 406 4.27 7.24 -47.23
CA PRO A 406 5.55 7.85 -46.87
C PRO A 406 5.97 9.04 -47.75
N GLN A 407 5.49 9.08 -49.00
CA GLN A 407 5.89 10.16 -49.92
C GLN A 407 4.73 11.00 -50.44
N ALA A 408 3.53 10.78 -49.92
CA ALA A 408 2.37 11.49 -50.45
C ALA A 408 2.39 12.99 -50.09
N GLY A 409 1.85 13.80 -51.00
CA GLY A 409 1.82 15.25 -50.84
C GLY A 409 1.30 15.93 -52.11
N PRO A 410 0.61 17.08 -51.96
CA PRO A 410 0.45 17.76 -50.68
C PRO A 410 -0.75 17.23 -49.88
N VAL A 411 -0.51 16.91 -48.62
CA VAL A 411 -1.62 16.61 -47.71
C VAL A 411 -1.45 17.41 -46.47
N TYR A 412 -2.43 18.26 -46.21
CA TYR A 412 -2.40 19.15 -45.07
C TYR A 412 -3.66 18.96 -44.23
N SER A 413 -3.61 19.44 -42.99
CA SER A 413 -4.73 19.35 -42.07
C SER A 413 -5.01 20.72 -41.52
N PHE A 414 -4.12 21.65 -41.85
CA PHE A 414 -4.21 23.03 -41.37
C PHE A 414 -3.96 24.05 -42.48
N TRP A 415 -4.74 25.12 -42.49
CA TRP A 415 -4.60 26.22 -43.48
C TRP A 415 -4.78 27.59 -42.80
N SER A 416 -3.70 28.35 -42.73
CA SER A 416 -3.72 29.68 -42.09
C SER A 416 -4.78 30.63 -42.67
N GLN A 417 -5.60 31.20 -41.79
CA GLN A 417 -6.60 32.20 -42.18
C GLN A 417 -6.02 33.60 -42.38
N ARG A 418 -4.83 33.81 -41.81
CA ARG A 418 -3.99 35.00 -42.01
C ARG A 418 -3.69 35.25 -43.50
N ILE A 419 -3.49 34.16 -44.25
CA ILE A 419 -3.53 34.19 -45.71
C ILE A 419 -4.88 33.59 -46.15
N ASN A 420 -5.15 33.55 -47.44
CA ASN A 420 -6.36 32.85 -47.88
C ASN A 420 -5.96 31.42 -48.22
N GLY A 421 -5.52 30.71 -47.17
CA GLY A 421 -4.83 29.43 -47.30
C GLY A 421 -5.64 28.28 -47.85
N ARG A 422 -6.82 28.05 -47.27
CA ARG A 422 -7.65 26.89 -47.64
C ARG A 422 -7.93 26.77 -49.14
N PRO A 423 -8.56 27.80 -49.76
CA PRO A 423 -8.89 27.71 -51.19
C PRO A 423 -7.68 27.44 -52.10
N ARG A 424 -6.52 27.97 -51.76
CA ARG A 424 -5.31 27.79 -52.56
C ARG A 424 -4.49 26.57 -52.13
N ASN A 425 -5.05 25.78 -51.20
CA ASN A 425 -4.42 24.62 -50.56
C ASN A 425 -2.92 24.73 -50.23
N LEU A 426 -2.53 25.85 -49.64
CA LEU A 426 -1.19 25.95 -49.10
C LEU A 426 -1.28 25.99 -47.58
N GLY A 427 -0.99 24.84 -46.98
CA GLY A 427 -1.10 24.70 -45.55
C GLY A 427 -0.08 23.74 -44.99
N TRP A 428 -0.40 23.22 -43.81
CA TRP A 428 0.47 22.35 -43.04
C TRP A 428 -0.25 21.07 -42.58
N ARG A 429 0.54 20.02 -42.44
CA ARG A 429 0.06 18.82 -41.80
C ARG A 429 0.53 18.86 -40.36
N LEU A 430 -0.40 19.21 -39.47
CA LEU A 430 -0.11 19.43 -38.06
C LEU A 430 -0.79 18.42 -37.16
N ASP A 431 -1.66 17.60 -37.77
CA ASP A 431 -2.51 16.70 -37.04
C ASP A 431 -2.15 15.26 -37.31
N TYR A 432 -2.08 14.45 -36.25
CA TYR A 432 -1.40 13.17 -36.31
C TYR A 432 -2.09 12.07 -35.57
N PHE A 433 -1.81 10.86 -36.03
CA PHE A 433 -1.94 9.67 -35.21
C PHE A 433 -0.57 9.02 -35.14
N VAL A 434 0.06 9.12 -33.97
CA VAL A 434 1.30 8.46 -33.71
C VAL A 434 0.98 7.25 -32.81
N VAL A 435 1.35 6.06 -33.29
CA VAL A 435 0.97 4.77 -32.71
C VAL A 435 2.21 3.97 -32.27
N SER A 436 2.11 3.26 -31.13
CA SER A 436 3.11 2.26 -30.74
C SER A 436 3.42 1.39 -31.93
N SER A 437 4.69 1.09 -32.12
CA SER A 437 5.09 0.24 -33.23
C SER A 437 4.29 -1.04 -33.32
N ARG A 438 4.08 -1.71 -32.18
CA ARG A 438 3.43 -3.00 -32.22
C ARG A 438 1.94 -2.92 -32.59
N LEU A 439 1.38 -1.72 -32.71
CA LEU A 439 -0.01 -1.52 -33.17
C LEU A 439 -0.10 -1.09 -34.63
N ALA A 440 1.03 -0.71 -35.23
CA ALA A 440 1.08 -0.24 -36.62
C ALA A 440 0.34 -1.15 -37.61
N SER A 441 0.65 -2.45 -37.58
CA SER A 441 0.06 -3.42 -38.48
C SER A 441 -1.46 -3.56 -38.38
N TYR A 442 -2.06 -3.14 -37.27
CA TYR A 442 -3.53 -3.21 -37.14
C TYR A 442 -4.23 -2.07 -37.83
N VAL A 443 -3.47 -1.06 -38.25
CA VAL A 443 -4.10 0.12 -38.79
C VAL A 443 -4.43 -0.13 -40.25
N VAL A 444 -5.72 0.02 -40.58
CA VAL A 444 -6.23 -0.28 -41.91
C VAL A 444 -5.97 0.92 -42.82
N ASP A 445 -6.35 2.10 -42.35
CA ASP A 445 -6.12 3.33 -43.09
C ASP A 445 -6.04 4.54 -42.15
N CYS A 446 -5.53 5.64 -42.67
CA CYS A 446 -5.40 6.89 -41.97
C CYS A 446 -5.38 8.02 -43.01
N PHE A 447 -6.32 8.95 -42.94
CA PHE A 447 -6.51 9.94 -44.00
C PHE A 447 -7.11 11.22 -43.46
N PRO A 448 -6.85 12.35 -44.13
CA PRO A 448 -7.53 13.58 -43.73
C PRO A 448 -8.95 13.64 -44.28
N MET A 449 -9.75 14.60 -43.79
CA MET A 449 -11.10 14.84 -44.28
C MET A 449 -11.28 16.30 -44.70
N PRO A 450 -10.62 16.72 -45.80
CA PRO A 450 -10.48 18.17 -46.06
C PRO A 450 -11.77 18.87 -46.48
N THR A 451 -12.84 18.12 -46.70
CA THR A 451 -14.10 18.77 -47.05
C THR A 451 -14.90 19.24 -45.82
N VAL A 452 -14.46 18.81 -44.63
CA VAL A 452 -15.18 19.17 -43.41
C VAL A 452 -14.74 20.55 -42.90
N MET A 453 -15.66 21.50 -42.99
CA MET A 453 -15.37 22.91 -42.74
C MET A 453 -15.76 23.35 -41.31
N GLY A 454 -15.41 24.59 -40.96
CA GLY A 454 -15.81 25.20 -39.69
C GLY A 454 -14.62 25.64 -38.86
N SER A 455 -13.45 25.09 -39.18
CA SER A 455 -12.23 25.33 -38.45
C SER A 455 -11.13 25.67 -39.44
N ASP A 456 -9.98 26.12 -38.94
CA ASP A 456 -8.82 26.26 -39.81
C ASP A 456 -8.05 24.93 -39.93
N HIS A 457 -8.47 23.96 -39.11
CA HIS A 457 -8.03 22.55 -39.23
C HIS A 457 -9.14 21.69 -39.82
N CYS A 458 -8.75 20.70 -40.63
CA CYS A 458 -9.68 19.61 -40.97
C CYS A 458 -9.47 18.39 -40.06
N PRO A 459 -10.50 17.57 -39.89
CA PRO A 459 -10.24 16.36 -39.09
C PRO A 459 -9.30 15.36 -39.79
N PHE A 460 -8.77 14.41 -39.03
CA PHE A 460 -7.97 13.32 -39.53
C PHE A 460 -8.56 12.03 -38.98
N GLN A 461 -8.72 11.02 -39.83
CA GLN A 461 -9.43 9.82 -39.47
C GLN A 461 -8.48 8.64 -39.54
N MET A 462 -8.78 7.62 -38.74
CA MET A 462 -7.96 6.41 -38.65
C MET A 462 -8.86 5.19 -38.30
N TRP A 463 -8.57 4.05 -38.92
CA TRP A 463 -9.29 2.81 -38.66
C TRP A 463 -8.35 1.78 -38.08
N MET A 464 -8.80 1.09 -37.04
CA MET A 464 -7.98 0.03 -36.51
C MET A 464 -8.71 -1.33 -36.40
N ARG A 465 -8.05 -2.38 -36.91
CA ARG A 465 -8.61 -3.72 -36.94
C ARG A 465 -8.54 -4.27 -35.51
N HIS A 466 -9.53 -5.06 -35.10
CA HIS A 466 -9.48 -5.77 -33.80
C HIS A 466 -10.14 -7.16 -33.93
N PRO A 467 -9.76 -8.14 -33.08
CA PRO A 467 -10.53 -9.40 -33.17
C PRO A 467 -11.95 -9.26 -32.62
N ILE B 110 5.34 -44.60 32.24
CA ILE B 110 4.91 -43.24 31.80
C ILE B 110 6.06 -42.23 31.91
N ARG B 111 6.90 -42.37 32.94
CA ARG B 111 7.91 -41.36 33.30
C ARG B 111 9.37 -41.83 33.14
N THR B 112 10.21 -41.00 32.52
CA THR B 112 11.62 -41.35 32.22
C THR B 112 12.45 -41.63 33.47
N ALA B 113 13.54 -42.38 33.31
CA ALA B 113 14.44 -42.75 34.41
C ALA B 113 14.94 -41.54 35.20
N GLU B 114 15.34 -40.51 34.47
CA GLU B 114 15.83 -39.25 35.06
C GLU B 114 14.78 -38.58 35.96
N ALA B 115 13.54 -38.54 35.46
CA ALA B 115 12.39 -38.05 36.23
C ALA B 115 12.17 -38.86 37.52
N LEU B 116 12.28 -40.18 37.39
CA LEU B 116 12.05 -41.10 38.49
C LEU B 116 13.07 -40.91 39.62
N ALA B 117 14.34 -40.76 39.25
CA ALA B 117 15.42 -40.57 40.22
C ALA B 117 15.20 -39.29 41.04
N ALA B 118 14.83 -38.20 40.37
CA ALA B 118 14.57 -36.92 41.02
C ALA B 118 13.34 -36.96 41.93
N LEU B 119 12.42 -37.86 41.62
CA LEU B 119 11.18 -38.02 42.38
C LEU B 119 11.45 -38.73 43.70
N ASN B 120 12.37 -39.70 43.68
CA ASN B 120 12.67 -40.56 44.83
C ASN B 120 13.59 -39.94 45.88
N ALA B 121 14.43 -39.07 45.49
CA ALA B 121 15.45 -38.53 46.36
C ALA B 121 14.87 -37.52 47.34
N LYS B 122 15.18 -37.65 48.61
CA LYS B 122 14.61 -36.81 49.65
C LYS B 122 15.33 -35.47 49.81
N LYS B 123 14.54 -34.46 50.16
CA LYS B 123 15.04 -33.14 50.56
C LYS B 123 14.10 -32.66 51.67
N SER B 124 14.68 -32.38 52.83
CA SER B 124 13.93 -31.83 53.95
C SER B 124 13.81 -30.31 53.75
N GLU B 125 12.82 -29.71 54.39
CA GLU B 125 12.64 -28.26 54.31
C GLU B 125 13.91 -27.53 54.74
N LYS B 126 14.53 -28.02 55.81
CA LYS B 126 15.80 -27.53 56.34
C LYS B 126 16.88 -27.35 55.28
N GLU B 127 17.03 -28.32 54.38
CA GLU B 127 18.15 -28.32 53.42
C GLU B 127 17.91 -27.63 52.08
N ILE B 128 16.66 -27.24 51.82
CA ILE B 128 16.42 -26.39 50.67
C ILE B 128 16.12 -24.96 51.07
N TRP B 129 15.57 -24.77 52.27
CA TRP B 129 15.35 -23.41 52.77
C TRP B 129 16.55 -22.88 53.58
N SER B 130 17.69 -23.58 53.49
CA SER B 130 18.94 -23.20 54.17
C SER B 130 19.49 -21.85 53.71
N ASP B 131 19.76 -21.75 52.40
CA ASP B 131 20.41 -20.58 51.83
C ASP B 131 19.41 -19.50 51.42
N VAL B 132 18.13 -19.74 51.74
CA VAL B 132 17.06 -18.83 51.35
C VAL B 132 16.94 -17.66 52.34
N VAL B 133 16.96 -16.44 51.81
CA VAL B 133 16.83 -15.24 52.63
C VAL B 133 15.52 -14.50 52.33
N PRO B 134 14.96 -13.79 53.33
CA PRO B 134 13.70 -13.04 53.15
C PRO B 134 13.72 -12.11 51.94
N PHE B 135 12.57 -11.89 51.32
CA PHE B 135 12.51 -11.06 50.14
C PHE B 135 12.43 -9.59 50.52
N VAL B 136 13.46 -8.84 50.17
CA VAL B 136 13.40 -7.39 50.32
C VAL B 136 13.58 -6.68 48.97
N ARG B 137 12.47 -6.14 48.47
CA ARG B 137 12.44 -5.43 47.20
C ARG B 137 13.52 -4.36 47.13
N ARG B 138 14.34 -4.41 46.08
CA ARG B 138 15.46 -3.50 45.93
C ARG B 138 15.06 -2.07 45.54
N THR B 139 13.84 -1.85 45.05
CA THR B 139 13.39 -0.48 44.75
C THR B 139 12.19 -0.04 45.59
N THR B 140 11.94 1.27 45.57
CA THR B 140 10.69 1.88 46.07
C THR B 140 10.02 2.54 44.88
N ASP B 141 8.71 2.77 44.97
CA ASP B 141 7.94 3.24 43.82
C ASP B 141 8.41 4.55 43.19
N SER B 142 9.12 5.38 43.95
CA SER B 142 9.58 6.64 43.40
C SER B 142 10.88 6.52 42.61
N ASP B 143 11.43 5.31 42.52
CA ASP B 143 12.56 5.06 41.61
C ASP B 143 12.11 4.95 40.16
N PHE B 144 10.82 4.76 39.94
CA PHE B 144 10.35 4.67 38.58
C PHE B 144 10.46 6.00 37.85
N ASP B 145 11.16 5.96 36.72
CA ASP B 145 11.31 7.09 35.82
C ASP B 145 10.48 6.84 34.55
N PRO B 146 9.26 7.41 34.49
CA PRO B 146 8.34 7.16 33.38
C PRO B 146 8.87 7.61 32.03
N SER B 147 9.85 8.49 31.99
CA SER B 147 10.36 8.93 30.70
C SER B 147 11.56 8.10 30.18
N ARG B 148 12.09 7.22 31.02
CA ARG B 148 13.22 6.39 30.62
C ARG B 148 13.00 4.91 30.93
N MET B 149 11.82 4.59 31.44
CA MET B 149 11.47 3.19 31.68
C MET B 149 10.08 2.83 31.21
N TYR B 150 9.86 1.54 30.93
CA TYR B 150 8.54 0.97 30.70
C TYR B 150 8.18 0.09 31.88
N LYS B 151 6.89 0.07 32.18
CA LYS B 151 6.34 -0.77 33.23
C LYS B 151 5.52 -1.84 32.58
N PHE B 152 5.84 -3.09 32.89
CA PHE B 152 5.03 -4.21 32.44
C PHE B 152 4.51 -4.90 33.65
N ILE B 153 3.25 -5.28 33.60
CA ILE B 153 2.74 -6.17 34.61
C ILE B 153 1.91 -7.34 34.02
N THR B 154 1.94 -8.48 34.72
CA THR B 154 1.21 -9.68 34.33
C THR B 154 0.32 -10.08 35.49
N TRP B 155 -0.85 -10.62 35.19
CA TRP B 155 -1.80 -11.00 36.22
C TRP B 155 -2.78 -12.03 35.73
N ASN B 156 -2.77 -13.19 36.37
CA ASN B 156 -3.79 -14.20 36.13
C ASN B 156 -4.98 -13.88 37.01
N VAL B 157 -6.11 -13.51 36.40
CA VAL B 157 -7.29 -13.05 37.15
C VAL B 157 -8.30 -14.16 37.48
N ALA B 158 -8.07 -15.36 36.96
CA ALA B 158 -8.90 -16.51 37.26
C ALA B 158 -10.37 -16.16 37.09
N GLY B 159 -10.71 -15.72 35.88
CA GLY B 159 -12.07 -15.36 35.51
C GLY B 159 -12.26 -13.87 35.55
N LEU B 160 -12.12 -13.23 34.40
CA LEU B 160 -12.23 -11.78 34.29
C LEU B 160 -13.61 -11.25 34.70
N ARG B 161 -14.64 -11.99 34.33
CA ARG B 161 -16.03 -11.67 34.61
C ARG B 161 -16.26 -11.76 36.10
N GLY B 162 -15.87 -12.89 36.69
CA GLY B 162 -15.96 -13.13 38.14
C GLY B 162 -15.23 -12.07 38.94
N LEU B 163 -14.02 -11.73 38.51
CA LEU B 163 -13.29 -10.61 39.11
C LEU B 163 -14.09 -9.30 39.05
N LEU B 164 -14.56 -8.93 37.85
CA LEU B 164 -15.20 -7.63 37.66
C LEU B 164 -16.59 -7.56 38.26
N LYS B 165 -17.21 -8.72 38.45
CA LYS B 165 -18.53 -8.76 39.10
C LYS B 165 -18.45 -8.72 40.64
N LYS B 166 -17.30 -9.09 41.19
CA LYS B 166 -17.04 -8.91 42.60
C LYS B 166 -16.76 -7.43 42.89
N ASN B 167 -16.29 -6.70 41.88
CA ASN B 167 -15.82 -5.42 42.02
C ASN B 167 -15.59 -4.60 40.68
N ALA B 168 -16.65 -3.97 40.18
CA ALA B 168 -16.66 -3.43 38.87
C ALA B 168 -15.46 -2.45 38.50
N SER B 169 -14.80 -1.90 39.52
CA SER B 169 -13.71 -0.93 39.32
C SER B 169 -12.31 -1.54 39.36
N ALA B 170 -12.24 -2.87 39.55
CA ALA B 170 -10.96 -3.54 39.78
C ALA B 170 -9.87 -3.12 38.78
N LEU B 171 -10.24 -3.03 37.51
CA LEU B 171 -9.29 -2.65 36.45
C LEU B 171 -9.10 -1.15 36.36
N ARG B 172 -10.18 -0.38 36.56
CA ARG B 172 -10.11 1.08 36.58
C ARG B 172 -9.11 1.56 37.64
N ALA B 173 -9.27 1.06 38.86
CA ALA B 173 -8.51 1.56 40.01
C ALA B 173 -7.06 1.16 39.93
N PHE B 174 -6.83 -0.05 39.43
CA PHE B 174 -5.49 -0.60 39.36
C PHE B 174 -4.67 0.04 38.25
N MET B 175 -5.29 0.29 37.10
CA MET B 175 -4.64 0.97 36.00
C MET B 175 -4.29 2.40 36.37
N GLU B 176 -5.23 3.07 37.05
CA GLU B 176 -5.05 4.42 37.53
C GLU B 176 -3.86 4.54 38.49
N ALA B 177 -3.83 3.66 39.50
CA ALA B 177 -2.78 3.66 40.50
C ALA B 177 -1.41 3.24 39.93
N GLU B 178 -1.41 2.49 38.82
CA GLU B 178 -0.17 1.89 38.32
C GLU B 178 0.33 2.41 36.96
N LYS B 179 -0.57 2.91 36.14
CA LYS B 179 -0.24 3.39 34.78
C LYS B 179 0.74 2.49 34.00
N PRO B 180 0.52 1.14 33.98
CA PRO B 180 1.52 0.32 33.25
C PRO B 180 1.43 0.47 31.75
N ASP B 181 2.54 0.23 31.06
CA ASP B 181 2.62 0.43 29.60
C ASP B 181 1.95 -0.70 28.84
N VAL B 182 2.09 -1.91 29.39
CA VAL B 182 1.31 -3.04 28.96
C VAL B 182 0.95 -3.91 30.15
N LEU B 183 -0.31 -4.35 30.18
CA LEU B 183 -0.80 -5.26 31.20
C LEU B 183 -1.31 -6.54 30.57
N CYS B 184 -0.74 -7.66 31.02
CA CYS B 184 -1.04 -8.99 30.51
C CYS B 184 -1.90 -9.75 31.48
N LEU B 185 -3.03 -10.26 30.99
CA LEU B 185 -3.96 -10.98 31.82
C LEU B 185 -4.12 -12.36 31.28
N GLN B 186 -4.22 -13.32 32.18
CA GLN B 186 -4.55 -14.67 31.77
C GLN B 186 -5.70 -15.27 32.60
N GLU B 187 -6.33 -16.32 32.06
CA GLU B 187 -7.60 -16.88 32.59
C GLU B 187 -8.72 -15.86 32.59
N THR B 188 -8.86 -15.17 31.47
CA THR B 188 -9.98 -14.24 31.29
C THR B 188 -11.29 -15.02 31.27
N LYS B 189 -11.21 -16.26 30.79
CA LYS B 189 -12.39 -17.17 30.70
C LYS B 189 -13.53 -16.66 29.81
N LEU B 190 -13.24 -15.68 28.96
CA LEU B 190 -14.20 -15.17 27.99
C LEU B 190 -14.55 -16.21 26.91
N ASN B 191 -15.77 -16.12 26.38
CA ASN B 191 -16.25 -17.03 25.36
C ASN B 191 -16.04 -16.42 24.00
N VAL B 192 -15.73 -17.27 23.03
CA VAL B 192 -15.17 -16.77 21.80
C VAL B 192 -16.18 -16.11 20.86
N ASP B 193 -17.45 -16.50 21.00
CA ASP B 193 -18.54 -15.96 20.18
C ASP B 193 -19.10 -14.64 20.69
N GLU B 194 -18.65 -14.23 21.87
CA GLU B 194 -19.22 -13.06 22.53
C GLU B 194 -18.38 -11.80 22.32
N ALA B 195 -18.05 -11.53 21.05
CA ALA B 195 -17.18 -10.42 20.64
C ALA B 195 -17.59 -9.09 21.26
N ASP B 196 -18.82 -8.69 21.03
CA ASP B 196 -19.39 -7.45 21.59
C ASP B 196 -19.34 -7.36 23.10
N ALA B 197 -19.88 -8.37 23.78
CA ALA B 197 -19.86 -8.47 25.23
C ALA B 197 -18.43 -8.37 25.77
N ASN B 198 -17.51 -9.03 25.08
CA ASN B 198 -16.10 -8.97 25.40
C ASN B 198 -15.48 -7.57 25.23
N ALA B 199 -15.69 -6.94 24.09
CA ALA B 199 -15.06 -5.65 23.73
C ALA B 199 -15.48 -4.49 24.64
N THR B 200 -16.62 -4.65 25.31
CA THR B 200 -17.08 -3.61 26.22
C THR B 200 -16.97 -4.06 27.70
N LEU B 201 -16.30 -5.18 27.93
CA LEU B 201 -16.00 -5.63 29.30
C LEU B 201 -14.56 -5.30 29.71
N GLY B 202 -14.43 -4.57 30.80
CA GLY B 202 -13.13 -4.16 31.36
C GLY B 202 -12.44 -3.08 30.55
N VAL B 203 -13.22 -2.22 29.89
CA VAL B 203 -12.68 -1.06 29.20
C VAL B 203 -12.16 -0.02 30.20
N VAL B 204 -11.05 0.64 29.84
CA VAL B 204 -10.34 1.58 30.68
C VAL B 204 -9.76 2.71 29.81
N ASP B 205 -9.98 3.97 30.21
CA ASP B 205 -9.51 5.12 29.42
C ASP B 205 -7.98 5.19 29.29
N GLY B 206 -7.51 5.61 28.12
CA GLY B 206 -6.09 5.69 27.81
C GLY B 206 -5.47 4.38 27.33
N TYR B 207 -6.28 3.33 27.26
CA TYR B 207 -5.82 1.98 26.91
C TYR B 207 -6.63 1.33 25.80
N SER B 208 -5.92 0.58 24.95
CA SER B 208 -6.55 -0.40 24.07
C SER B 208 -6.26 -1.78 24.65
N PHE B 209 -7.11 -2.76 24.34
CA PHE B 209 -6.80 -4.13 24.70
C PHE B 209 -7.10 -5.02 23.53
N VAL B 210 -6.38 -6.14 23.47
CA VAL B 210 -6.69 -7.17 22.49
C VAL B 210 -7.05 -8.43 23.28
N ASP B 211 -8.10 -9.13 22.83
CA ASP B 211 -8.56 -10.38 23.44
C ASP B 211 -8.17 -11.59 22.62
N HIS B 212 -7.88 -12.69 23.32
CA HIS B 212 -7.72 -13.96 22.70
C HIS B 212 -8.39 -14.98 23.59
N PRO B 213 -9.72 -15.07 23.47
CA PRO B 213 -10.47 -16.04 24.28
C PRO B 213 -10.27 -17.47 23.76
N CYS B 214 -10.45 -18.43 24.65
CA CYS B 214 -10.30 -19.84 24.35
C CYS B 214 -11.51 -20.35 23.55
N ALA B 215 -11.24 -20.98 22.40
CA ALA B 215 -12.29 -21.50 21.52
C ALA B 215 -12.69 -22.92 21.84
N PHE B 216 -11.73 -23.75 22.23
CA PHE B 216 -11.99 -25.18 22.35
C PHE B 216 -12.69 -25.58 23.65
N LYS B 217 -12.96 -24.59 24.50
CA LYS B 217 -13.70 -24.80 25.73
C LYS B 217 -14.24 -23.46 26.19
N ARG B 218 -15.53 -23.44 26.54
CA ARG B 218 -16.20 -22.22 27.01
C ARG B 218 -15.88 -21.92 28.49
N GLY B 219 -15.72 -20.64 28.82
CA GLY B 219 -15.39 -20.20 30.18
C GLY B 219 -14.10 -20.79 30.69
N TYR B 220 -13.04 -20.72 29.90
CA TYR B 220 -11.83 -21.45 30.18
C TYR B 220 -10.65 -20.70 29.60
N SER B 221 -9.51 -20.77 30.29
CA SER B 221 -8.26 -20.22 29.81
C SER B 221 -8.48 -18.78 29.40
N GLY B 222 -7.98 -18.38 28.23
CA GLY B 222 -8.23 -17.03 27.73
C GLY B 222 -7.20 -16.03 28.18
N THR B 223 -6.94 -15.06 27.31
CA THR B 223 -5.79 -14.24 27.45
C THR B 223 -6.14 -12.85 26.87
N ARG B 224 -5.66 -11.80 27.51
CA ARG B 224 -5.94 -10.43 27.08
C ARG B 224 -4.78 -9.49 27.42
N THR B 225 -4.48 -8.57 26.51
CA THR B 225 -3.41 -7.62 26.76
C THR B 225 -3.87 -6.20 26.53
N TYR B 226 -3.60 -5.35 27.54
CA TYR B 226 -3.80 -3.91 27.47
C TYR B 226 -2.52 -3.21 27.08
N MET B 227 -2.67 -2.18 26.27
CA MET B 227 -1.57 -1.33 25.85
C MET B 227 -1.96 0.13 26.03
N LYS B 228 -1.11 0.88 26.72
CA LYS B 228 -1.32 2.31 26.93
C LYS B 228 -1.24 3.02 25.59
N ASN B 229 -2.23 3.86 25.30
CA ASN B 229 -2.33 4.50 23.98
C ASN B 229 -1.13 5.39 23.68
N SER B 230 -0.76 6.23 24.65
CA SER B 230 0.38 7.12 24.50
C SER B 230 1.68 6.36 24.24
N THR B 231 2.23 5.72 25.28
CA THR B 231 3.56 5.07 25.20
C THR B 231 3.61 3.88 24.25
N THR B 232 2.60 3.03 24.31
CA THR B 232 2.68 1.72 23.68
C THR B 232 2.07 1.67 22.27
N VAL B 233 0.78 2.00 22.17
CA VAL B 233 0.12 1.97 20.86
C VAL B 233 0.77 2.94 19.88
N LYS B 234 1.11 4.12 20.38
CA LYS B 234 1.62 5.17 19.50
C LYS B 234 3.15 5.15 19.43
N GLY B 235 3.66 5.30 20.66
CA GLY B 235 5.10 5.40 20.84
C GLY B 235 5.87 4.15 20.44
N LEU B 236 5.27 2.99 20.67
CA LEU B 236 5.93 1.72 20.33
C LEU B 236 5.31 1.01 19.13
N HIS B 237 4.41 1.69 18.43
CA HIS B 237 3.79 1.18 17.20
C HIS B 237 3.30 -0.28 17.36
N ALA B 238 2.62 -0.54 18.48
CA ALA B 238 2.25 -1.89 18.89
C ALA B 238 1.32 -2.59 17.92
N ARG B 239 1.66 -3.82 17.55
CA ARG B 239 0.76 -4.68 16.80
C ARG B 239 0.73 -6.00 17.52
N CYS B 240 -0.38 -6.70 17.45
CA CYS B 240 -0.54 -8.01 18.11
C CYS B 240 -0.75 -9.16 17.14
N THR B 241 -0.39 -10.36 17.58
CA THR B 241 -0.88 -11.57 16.97
C THR B 241 -1.45 -12.48 18.05
N ARG B 242 -2.15 -13.53 17.64
CA ARG B 242 -2.54 -14.61 18.55
C ARG B 242 -1.89 -15.90 18.08
N GLY B 243 -1.65 -16.81 19.02
CA GLY B 243 -1.06 -18.10 18.68
C GLY B 243 0.42 -18.02 18.38
N PHE B 244 0.93 -18.99 17.64
CA PHE B 244 2.35 -19.05 17.34
C PHE B 244 2.70 -18.38 15.99
N ALA B 245 2.21 -17.16 15.76
CA ALA B 245 2.44 -16.45 14.49
C ALA B 245 3.29 -15.19 14.62
N LEU B 246 4.09 -14.92 13.61
CA LEU B 246 4.70 -13.61 13.49
C LEU B 246 3.76 -12.71 12.69
N PRO B 247 3.99 -11.41 12.74
CA PRO B 247 3.09 -10.44 12.09
C PRO B 247 3.09 -10.60 10.58
N SER B 248 2.51 -9.62 9.88
CA SER B 248 2.04 -9.85 8.51
C SER B 248 3.17 -9.71 7.51
N GLU B 249 3.77 -8.52 7.47
CA GLU B 249 4.82 -8.23 6.49
C GLU B 249 6.20 -8.52 7.06
N LEU B 261 -4.66 -3.20 16.57
CA LEU B 261 -4.37 -4.00 15.37
C LEU B 261 -3.95 -5.41 15.73
N VAL B 262 -4.80 -6.38 15.40
CA VAL B 262 -4.54 -7.79 15.74
C VAL B 262 -4.64 -8.72 14.51
N GLU B 263 -4.03 -9.89 14.61
CA GLU B 263 -3.81 -10.77 13.45
C GLU B 263 -3.95 -12.25 13.80
N GLY B 264 -4.75 -12.96 13.00
CA GLY B 264 -4.92 -14.41 13.12
C GLY B 264 -5.84 -14.81 14.27
N ALA B 265 -6.44 -15.98 14.11
CA ALA B 265 -7.29 -16.58 15.16
C ALA B 265 -6.44 -17.25 16.27
N GLY B 266 -5.24 -17.69 15.92
CA GLY B 266 -4.29 -18.20 16.91
C GLY B 266 -4.60 -19.59 17.45
N ASP B 267 -3.88 -19.99 18.48
CA ASP B 267 -4.09 -21.30 19.11
C ASP B 267 -5.51 -21.41 19.66
N GLU B 268 -6.13 -22.56 19.46
CA GLU B 268 -7.52 -22.78 19.87
C GLU B 268 -7.78 -22.70 21.38
N GLU B 269 -6.75 -22.88 22.20
CA GLU B 269 -6.93 -22.85 23.66
C GLU B 269 -6.74 -21.43 24.26
N GLY B 270 -6.52 -20.43 23.40
CA GLY B 270 -6.36 -19.04 23.81
C GLY B 270 -5.18 -18.73 24.73
N ARG B 271 -4.07 -19.48 24.58
CA ARG B 271 -3.00 -19.35 25.59
C ARG B 271 -1.92 -18.35 25.23
N VAL B 272 -1.85 -17.92 23.98
CA VAL B 272 -0.68 -17.20 23.53
C VAL B 272 -1.02 -15.93 22.77
N LEU B 273 -0.74 -14.78 23.37
CA LEU B 273 -1.03 -13.47 22.76
C LEU B 273 0.22 -12.61 22.79
N THR B 274 0.69 -12.19 21.63
CA THR B 274 1.96 -11.47 21.54
C THR B 274 1.73 -10.04 21.06
N THR B 275 2.50 -9.12 21.64
CA THR B 275 2.46 -7.69 21.32
C THR B 275 3.85 -7.32 20.80
N PHE B 276 3.91 -6.81 19.58
CA PHE B 276 5.19 -6.46 18.96
C PHE B 276 5.50 -4.95 19.08
N LEU B 277 6.63 -4.63 19.70
CA LEU B 277 6.97 -3.25 20.07
C LEU B 277 8.24 -2.73 19.41
N SER B 278 8.20 -1.52 18.87
CA SER B 278 9.37 -0.85 18.32
C SER B 278 9.21 0.69 18.30
N PRO B 279 10.26 1.44 18.69
CA PRO B 279 10.28 2.90 18.48
C PRO B 279 10.19 3.30 17.00
N ASP B 280 10.71 2.46 16.11
CA ASP B 280 10.32 2.56 14.70
C ASP B 280 10.36 1.23 13.96
N PRO B 281 9.19 0.81 13.42
CA PRO B 281 9.07 -0.35 12.51
C PRO B 281 9.88 -0.23 11.21
N ASP B 282 10.38 -1.36 10.74
CA ASP B 282 11.25 -1.39 9.56
C ASP B 282 12.28 -0.27 9.62
N SER B 287 16.47 -0.74 14.59
CA SER B 287 15.98 -0.13 15.81
C SER B 287 15.73 -1.17 16.89
N SER B 288 15.20 -0.72 18.03
CA SER B 288 14.91 -1.62 19.15
C SER B 288 13.61 -2.44 19.00
N ARG B 289 13.70 -3.74 18.73
CA ARG B 289 12.50 -4.59 18.69
C ARG B 289 12.28 -5.41 19.98
N ILE B 290 11.09 -5.34 20.54
CA ILE B 290 10.70 -6.18 21.70
C ILE B 290 9.43 -6.96 21.37
N ALA B 291 9.45 -8.27 21.59
CA ALA B 291 8.24 -9.08 21.53
C ALA B 291 7.83 -9.50 22.94
N LEU B 292 6.64 -9.09 23.34
CA LEU B 292 6.13 -9.37 24.66
C LEU B 292 5.01 -10.38 24.52
N VAL B 293 5.25 -11.61 25.02
CA VAL B 293 4.36 -12.74 24.84
C VAL B 293 3.59 -12.99 26.11
N ASN B 294 2.28 -12.77 26.05
CA ASN B 294 1.42 -13.01 27.20
C ASN B 294 0.96 -14.44 27.06
N THR B 295 1.27 -15.22 28.08
CA THR B 295 1.13 -16.65 27.99
C THR B 295 0.44 -17.19 29.21
N TYR B 296 -0.57 -18.02 28.97
CA TYR B 296 -1.16 -18.84 30.01
C TYR B 296 -0.84 -20.31 29.70
N VAL B 297 0.13 -20.73 30.20
CA VAL B 297 0.62 -22.09 29.99
C VAL B 297 -0.36 -23.13 30.49
N ALA B 298 -0.45 -24.26 29.79
CA ALA B 298 -1.43 -25.29 30.11
C ALA B 298 -1.05 -26.04 31.39
N ASN B 299 -1.94 -26.02 32.36
CA ASN B 299 -1.79 -26.86 33.55
C ASN B 299 -1.67 -28.33 33.21
N SER B 300 -0.85 -29.05 33.98
CA SER B 300 -0.64 -30.47 33.77
C SER B 300 -1.78 -31.30 34.36
N GLY B 301 -2.59 -30.65 35.18
CA GLY B 301 -3.89 -31.19 35.56
C GLY B 301 -3.86 -31.94 36.88
N MET B 302 -5.03 -32.20 37.44
CA MET B 302 -5.14 -32.84 38.76
C MET B 302 -4.33 -34.12 38.95
N GLY B 303 -4.41 -35.05 38.03
CA GLY B 303 -3.67 -36.29 38.21
C GLY B 303 -2.29 -36.28 37.60
N LEU B 304 -1.78 -35.09 37.28
CA LEU B 304 -0.72 -34.93 36.28
C LEU B 304 -1.22 -35.53 34.98
N THR B 305 -2.51 -35.37 34.76
CA THR B 305 -3.24 -36.02 33.70
C THR B 305 -2.82 -35.51 32.33
N ARG B 306 -2.72 -34.19 32.21
CA ARG B 306 -2.35 -33.56 30.95
C ARG B 306 -0.83 -33.34 30.86
N LEU B 307 -0.08 -33.96 31.77
CA LEU B 307 1.36 -33.78 31.83
C LEU B 307 2.02 -34.11 30.50
N PRO B 308 1.55 -35.17 29.86
CA PRO B 308 2.08 -35.60 28.56
C PRO B 308 1.88 -34.52 27.49
N TYR B 309 0.74 -33.84 27.55
CA TYR B 309 0.46 -32.75 26.64
C TYR B 309 1.34 -31.52 26.92
N ARG B 310 1.51 -31.17 28.20
CA ARG B 310 2.35 -30.04 28.58
C ARG B 310 3.79 -30.25 28.10
N VAL B 311 4.29 -31.46 28.28
CA VAL B 311 5.69 -31.73 27.99
C VAL B 311 5.99 -32.04 26.51
N GLN B 312 5.03 -32.62 25.80
CA GLN B 312 5.31 -33.10 24.44
C GLN B 312 4.74 -32.22 23.36
N SER B 313 3.66 -31.52 23.67
CA SER B 313 3.01 -30.71 22.66
C SER B 313 3.11 -29.23 22.96
N PHE B 314 2.72 -28.83 24.17
CA PHE B 314 2.74 -27.42 24.51
C PHE B 314 4.16 -26.81 24.61
N ASP B 315 4.97 -27.30 25.54
CA ASP B 315 6.30 -26.71 25.78
C ASP B 315 7.20 -26.68 24.55
N PRO B 316 7.28 -27.79 23.79
CA PRO B 316 8.03 -27.75 22.53
C PRO B 316 7.51 -26.73 21.53
N SER B 317 6.20 -26.52 21.49
CA SER B 317 5.64 -25.51 20.61
C SER B 317 6.00 -24.11 21.12
N MET B 318 6.01 -23.96 22.43
CA MET B 318 6.40 -22.71 23.04
C MET B 318 7.89 -22.36 22.79
N ARG B 319 8.78 -23.37 22.87
CA ARG B 319 10.20 -23.18 22.54
C ARG B 319 10.41 -22.69 21.09
N GLU B 320 9.73 -23.29 20.12
CA GLU B 320 10.00 -22.94 18.74
C GLU B 320 9.59 -21.49 18.51
N TYR B 321 8.43 -21.13 19.03
CA TYR B 321 7.85 -19.80 18.88
C TYR B 321 8.75 -18.72 19.47
N LEU B 322 9.17 -18.94 20.72
CA LEU B 322 10.16 -18.07 21.37
C LEU B 322 11.46 -17.90 20.56
N HIS B 323 11.91 -18.97 19.92
CA HIS B 323 13.14 -18.87 19.15
C HIS B 323 12.91 -17.95 17.95
N ARG B 324 11.78 -18.19 17.27
CA ARG B 324 11.36 -17.49 16.11
C ARG B 324 11.14 -16.02 16.44
N LEU B 325 10.59 -15.73 17.63
CA LEU B 325 10.44 -14.35 18.10
C LEU B 325 11.78 -13.68 18.30
N ASP B 326 12.71 -14.43 18.89
CA ASP B 326 14.04 -13.87 19.12
C ASP B 326 14.73 -13.61 17.79
N THR B 327 14.51 -14.48 16.81
CA THR B 327 15.10 -14.24 15.51
C THR B 327 14.44 -13.07 14.78
N TRP B 328 13.15 -12.82 15.02
CA TRP B 328 12.49 -11.62 14.50
C TRP B 328 13.08 -10.33 15.08
N ALA B 329 13.31 -10.32 16.39
CA ALA B 329 13.78 -9.13 17.08
C ALA B 329 15.28 -8.87 16.85
N THR B 330 16.02 -9.93 16.55
CA THR B 330 17.47 -9.88 16.53
C THR B 330 18.00 -9.87 15.11
N GLU B 331 18.10 -11.06 14.50
CA GLU B 331 18.86 -11.20 13.26
C GLU B 331 18.30 -10.31 12.16
N ASN B 332 17.01 -9.97 12.26
CA ASN B 332 16.42 -8.96 11.41
C ASN B 332 17.04 -7.59 11.62
N ALA B 333 16.97 -7.09 12.85
CA ALA B 333 17.19 -5.67 13.12
C ALA B 333 18.67 -5.34 13.20
N ALA B 334 19.31 -5.77 14.29
CA ALA B 334 20.62 -5.25 14.65
C ALA B 334 21.66 -5.56 13.58
N SER B 345 23.24 -5.96 26.69
CA SER B 345 23.93 -6.02 25.41
C SER B 345 23.20 -5.17 24.37
N SER B 346 21.94 -5.46 24.14
CA SER B 346 21.16 -4.83 23.05
C SER B 346 19.65 -4.81 23.41
N PRO B 347 18.92 -3.67 23.18
CA PRO B 347 17.50 -3.57 23.63
C PRO B 347 16.55 -4.24 22.62
N HIS B 348 16.83 -5.53 22.39
CA HIS B 348 16.21 -6.34 21.37
C HIS B 348 16.01 -7.71 22.00
N GLY B 349 14.83 -8.27 21.84
CA GLY B 349 14.61 -9.64 22.28
C GLY B 349 13.15 -9.91 22.58
N PHE B 350 12.90 -10.93 23.39
CA PHE B 350 11.56 -11.19 23.82
C PHE B 350 11.43 -11.14 25.35
N ILE B 351 10.21 -10.90 25.78
CA ILE B 351 9.83 -10.98 27.16
C ILE B 351 8.67 -11.94 27.20
N TRP B 352 8.91 -13.09 27.80
CA TRP B 352 7.93 -14.14 27.97
C TRP B 352 7.31 -13.95 29.33
N ALA B 353 6.06 -13.51 29.34
CA ALA B 353 5.39 -13.11 30.57
C ALA B 353 4.12 -13.94 30.80
N GLY B 354 3.82 -14.19 32.06
CA GLY B 354 2.55 -14.78 32.37
C GLY B 354 2.60 -15.85 33.40
N ASP B 355 1.56 -16.68 33.37
CA ASP B 355 1.43 -17.78 34.29
C ASP B 355 2.00 -18.96 33.58
N LEU B 356 3.23 -19.31 33.95
CA LEU B 356 3.94 -20.39 33.29
C LEU B 356 3.69 -21.74 33.96
N ASN B 357 2.93 -21.74 35.04
CA ASN B 357 2.48 -22.99 35.68
C ASN B 357 3.62 -23.95 35.97
N VAL B 358 4.65 -23.41 36.61
CA VAL B 358 5.78 -24.20 37.04
C VAL B 358 6.44 -23.41 38.13
N ALA B 359 6.87 -24.10 39.19
CA ALA B 359 7.68 -23.45 40.20
C ALA B 359 9.07 -24.03 40.05
N GLU B 360 10.02 -23.27 39.51
CA GLU B 360 11.31 -23.89 39.16
C GLU B 360 12.36 -24.04 40.26
N ARG B 361 12.34 -23.18 41.26
CA ARG B 361 13.22 -23.38 42.42
C ARG B 361 12.54 -24.32 43.40
N ASP B 362 13.34 -25.11 44.10
CA ASP B 362 12.86 -25.99 45.17
C ASP B 362 12.08 -25.19 46.21
N TYR B 363 12.46 -23.93 46.38
CA TYR B 363 11.81 -22.97 47.29
C TYR B 363 10.79 -22.05 46.59
N ASP B 364 10.43 -22.38 45.35
CA ASP B 364 9.41 -21.64 44.60
C ASP B 364 7.98 -22.06 45.00
N ARG B 365 7.88 -22.98 45.96
CA ARG B 365 6.60 -23.33 46.59
C ARG B 365 6.82 -23.78 48.05
N TYR B 366 5.82 -23.58 48.90
CA TYR B 366 5.93 -23.94 50.32
C TYR B 366 6.14 -25.43 50.49
N TYR B 367 6.79 -25.81 51.59
CA TYR B 367 7.09 -27.21 51.88
C TYR B 367 5.99 -27.83 52.74
N ALA B 368 5.54 -29.01 52.32
CA ALA B 368 4.57 -29.82 53.06
C ALA B 368 4.72 -31.29 52.65
N GLY B 369 4.50 -32.20 53.59
CA GLY B 369 4.64 -33.64 53.33
C GLY B 369 6.09 -34.01 53.05
N THR B 370 6.30 -34.84 52.02
CA THR B 370 7.65 -35.13 51.52
C THR B 370 7.96 -34.42 50.18
N PHE B 371 9.25 -34.32 49.85
CA PHE B 371 9.67 -33.77 48.55
C PHE B 371 9.07 -34.60 47.42
N LYS B 372 9.08 -35.92 47.59
CA LYS B 372 8.40 -36.84 46.66
C LYS B 372 6.93 -36.45 46.42
N SER B 373 6.19 -36.26 47.52
CA SER B 373 4.77 -35.90 47.44
C SER B 373 4.54 -34.51 46.86
N MET B 374 5.54 -33.64 47.04
CA MET B 374 5.52 -32.30 46.50
C MET B 374 5.57 -32.30 44.98
N GLN B 375 6.40 -33.19 44.43
CA GLN B 375 6.64 -33.29 42.99
C GLN B 375 5.51 -34.03 42.27
N GLU B 376 4.46 -34.37 43.02
CA GLU B 376 3.27 -34.97 42.41
C GLU B 376 2.19 -33.95 42.13
N CYS B 377 2.38 -32.72 42.62
CA CYS B 377 1.48 -31.63 42.27
C CYS B 377 1.81 -31.05 40.89
N SER B 378 0.79 -30.71 40.11
CA SER B 378 1.04 -30.10 38.82
C SER B 378 1.71 -28.73 39.03
N GLY B 379 2.79 -28.50 38.30
CA GLY B 379 3.59 -27.28 38.43
C GLY B 379 4.92 -27.58 39.11
N PHE B 380 4.97 -28.72 39.80
CA PHE B 380 6.17 -29.13 40.50
C PHE B 380 6.69 -30.50 40.08
N ALA B 381 6.04 -31.07 39.08
CA ALA B 381 6.49 -32.32 38.48
C ALA B 381 7.89 -32.18 37.91
N PRO B 382 8.69 -33.26 38.01
CA PRO B 382 10.06 -33.23 37.52
C PRO B 382 10.13 -32.78 36.07
N GLU B 383 9.29 -33.34 35.19
CA GLU B 383 9.38 -33.04 33.77
C GLU B 383 9.02 -31.59 33.43
N GLU B 384 8.05 -31.02 34.15
CA GLU B 384 7.70 -29.61 34.01
C GLU B 384 8.86 -28.67 34.32
N ARG B 385 9.60 -28.96 35.39
CA ARG B 385 10.69 -28.08 35.78
C ARG B 385 11.88 -28.22 34.83
N MET B 386 12.17 -29.47 34.44
CA MET B 386 13.22 -29.75 33.45
C MET B 386 12.96 -29.08 32.11
N SER B 387 11.68 -29.05 31.73
CA SER B 387 11.27 -28.56 30.44
C SER B 387 11.40 -27.04 30.35
N PHE B 388 11.01 -26.36 31.41
CA PHE B 388 11.09 -24.91 31.53
C PHE B 388 12.56 -24.50 31.60
N ARG B 389 13.35 -25.22 32.39
CA ARG B 389 14.78 -24.91 32.41
C ARG B 389 15.36 -25.05 31.01
N GLU B 390 14.89 -26.08 30.29
CA GLU B 390 15.40 -26.40 28.97
C GLU B 390 15.00 -25.28 27.99
N THR B 391 13.77 -24.79 28.15
CA THR B 391 13.26 -23.70 27.35
C THR B 391 14.11 -22.44 27.51
N MET B 392 14.40 -22.02 28.74
CA MET B 392 15.21 -20.83 29.02
C MET B 392 16.61 -21.01 28.43
N GLN B 393 17.09 -22.24 28.49
CA GLN B 393 18.38 -22.55 27.90
C GLN B 393 18.39 -22.53 26.37
N ARG B 394 17.50 -23.29 25.73
CA ARG B 394 17.49 -23.33 24.27
C ARG B 394 17.13 -21.99 23.60
N THR B 395 16.46 -21.10 24.34
CA THR B 395 16.09 -19.78 23.85
C THR B 395 17.00 -18.67 24.37
N ASN B 396 18.00 -19.02 25.16
CA ASN B 396 18.91 -18.02 25.72
C ASN B 396 18.15 -16.89 26.47
N SER B 397 17.33 -17.31 27.43
CA SER B 397 16.63 -16.37 28.28
C SER B 397 16.79 -16.71 29.77
N VAL B 398 16.34 -15.79 30.61
CA VAL B 398 16.48 -15.89 32.04
C VAL B 398 15.17 -15.48 32.72
N ASP B 399 14.87 -16.23 33.78
CA ASP B 399 13.87 -15.87 34.76
C ASP B 399 14.36 -14.63 35.48
N ILE B 400 13.85 -13.46 35.11
CA ILE B 400 14.50 -12.23 35.54
C ILE B 400 14.40 -12.03 37.04
N PHE B 401 13.30 -12.51 37.62
CA PHE B 401 13.15 -12.44 39.07
C PHE B 401 14.32 -13.10 39.79
N ARG B 402 14.73 -14.28 39.30
CA ARG B 402 15.80 -15.02 39.96
C ARG B 402 17.19 -14.59 39.57
N GLN B 403 17.30 -13.68 38.61
CA GLN B 403 18.57 -13.02 38.40
C GLN B 403 18.74 -11.88 39.38
N LEU B 404 17.64 -11.21 39.74
CA LEU B 404 17.71 -10.09 40.67
C LEU B 404 17.69 -10.55 42.13
N TYR B 405 16.97 -11.63 42.41
CA TYR B 405 16.83 -12.10 43.77
C TYR B 405 17.01 -13.63 43.83
N PRO B 406 18.24 -14.15 43.61
CA PRO B 406 18.39 -15.57 43.28
C PRO B 406 18.05 -16.51 44.44
N GLN B 407 18.10 -15.96 45.65
CA GLN B 407 17.95 -16.72 46.88
C GLN B 407 16.74 -16.28 47.71
N ALA B 408 15.99 -15.30 47.20
CA ALA B 408 14.90 -14.75 47.98
C ALA B 408 13.73 -15.74 48.15
N GLY B 409 13.02 -15.60 49.25
CA GLY B 409 11.93 -16.51 49.60
C GLY B 409 11.50 -16.32 51.05
N PRO B 410 10.19 -16.51 51.33
CA PRO B 410 9.20 -17.02 50.37
C PRO B 410 8.59 -15.91 49.53
N VAL B 411 8.62 -16.09 48.21
CA VAL B 411 8.00 -15.15 47.28
C VAL B 411 7.08 -15.93 46.37
N TYR B 412 5.78 -15.71 46.53
CA TYR B 412 4.76 -16.39 45.75
C TYR B 412 3.89 -15.43 44.93
N SER B 413 3.21 -15.98 43.92
CA SER B 413 2.29 -15.21 43.10
C SER B 413 0.96 -15.89 43.08
N PHE B 414 0.92 -17.09 43.65
CA PHE B 414 -0.28 -17.90 43.69
C PHE B 414 -0.51 -18.59 45.04
N TRP B 415 -1.77 -18.67 45.43
CA TRP B 415 -2.18 -19.34 46.67
C TRP B 415 -3.50 -20.09 46.46
N SER B 416 -3.43 -21.41 46.62
CA SER B 416 -4.59 -22.29 46.39
C SER B 416 -5.77 -21.95 47.31
N GLN B 417 -6.96 -21.83 46.73
CA GLN B 417 -8.18 -21.56 47.50
C GLN B 417 -8.82 -22.82 48.12
N ARG B 418 -8.40 -23.99 47.63
CA ARG B 418 -8.74 -25.30 48.18
C ARG B 418 -8.21 -25.44 49.61
N ILE B 419 -7.08 -24.82 49.90
CA ILE B 419 -6.63 -24.58 51.27
C ILE B 419 -6.91 -23.11 51.58
N ASN B 420 -6.66 -22.66 52.81
CA ASN B 420 -6.79 -21.24 53.10
C ASN B 420 -5.40 -20.64 52.92
N GLY B 421 -4.94 -20.70 51.67
CA GLY B 421 -3.55 -20.48 51.33
C GLY B 421 -3.03 -19.07 51.52
N ARG B 422 -3.78 -18.08 51.02
CA ARG B 422 -3.33 -16.70 51.02
C ARG B 422 -2.98 -16.11 52.41
N PRO B 423 -3.94 -16.08 53.36
CA PRO B 423 -3.62 -15.55 54.70
C PRO B 423 -2.42 -16.22 55.39
N ARG B 424 -2.21 -17.51 55.13
CA ARG B 424 -1.15 -18.29 55.77
C ARG B 424 0.14 -18.29 54.91
N ASN B 425 0.07 -17.55 53.81
CA ASN B 425 1.17 -17.38 52.84
C ASN B 425 1.95 -18.64 52.44
N LEU B 426 1.21 -19.74 52.27
CA LEU B 426 1.79 -20.93 51.68
C LEU B 426 1.26 -21.15 50.25
N GLY B 427 2.11 -20.76 49.29
CA GLY B 427 1.75 -20.74 47.89
C GLY B 427 2.90 -21.07 46.96
N TRP B 428 2.71 -20.68 45.70
CA TRP B 428 3.61 -21.04 44.61
C TRP B 428 3.99 -19.78 43.85
N ARG B 429 5.19 -19.80 43.31
CA ARG B 429 5.59 -18.78 42.37
C ARG B 429 5.41 -19.35 40.96
N LEU B 430 4.26 -19.05 40.36
CA LEU B 430 3.90 -19.60 39.07
C LEU B 430 3.94 -18.56 37.96
N ASP B 431 4.17 -17.30 38.34
CA ASP B 431 4.12 -16.19 37.39
C ASP B 431 5.50 -15.54 37.15
N TYR B 432 5.83 -15.32 35.88
CA TYR B 432 7.20 -14.99 35.50
C TYR B 432 7.30 -13.89 34.47
N PHE B 433 8.49 -13.30 34.43
CA PHE B 433 8.98 -12.60 33.27
C PHE B 433 10.28 -13.30 32.89
N VAL B 434 10.22 -14.03 31.78
CA VAL B 434 11.40 -14.66 31.20
C VAL B 434 11.88 -13.81 30.03
N VAL B 435 13.14 -13.40 30.10
CA VAL B 435 13.67 -12.33 29.27
C VAL B 435 14.91 -12.79 28.52
N SER B 436 15.02 -12.48 27.22
CA SER B 436 16.24 -12.70 26.46
C SER B 436 17.43 -12.25 27.29
N SER B 437 18.50 -13.04 27.31
CA SER B 437 19.71 -12.65 28.04
C SER B 437 20.17 -11.27 27.69
N ARG B 438 20.12 -10.89 26.42
CA ARG B 438 20.66 -9.60 26.03
C ARG B 438 19.82 -8.42 26.57
N LEU B 439 18.62 -8.71 27.09
CA LEU B 439 17.73 -7.68 27.66
C LEU B 439 17.81 -7.59 29.19
N ALA B 440 18.40 -8.61 29.81
CA ALA B 440 18.43 -8.74 31.28
C ALA B 440 19.03 -7.51 32.00
N SER B 441 20.15 -7.01 31.48
CA SER B 441 20.79 -5.81 32.04
C SER B 441 19.91 -4.56 32.08
N TYR B 442 18.93 -4.47 31.18
CA TYR B 442 18.03 -3.32 31.09
C TYR B 442 16.93 -3.33 32.13
N VAL B 443 16.79 -4.44 32.84
CA VAL B 443 15.70 -4.57 33.77
C VAL B 443 16.08 -4.00 35.12
N VAL B 444 15.32 -3.01 35.58
CA VAL B 444 15.66 -2.31 36.80
C VAL B 444 15.17 -3.06 38.01
N ASP B 445 13.93 -3.54 37.93
CA ASP B 445 13.38 -4.34 39.01
C ASP B 445 12.25 -5.26 38.54
N CYS B 446 11.94 -6.25 39.37
CA CYS B 446 10.90 -7.22 39.09
C CYS B 446 10.40 -7.75 40.41
N PHE B 447 9.13 -7.52 40.70
CA PHE B 447 8.61 -7.80 42.05
C PHE B 447 7.14 -8.20 42.00
N PRO B 448 6.68 -8.98 42.99
CA PRO B 448 5.26 -9.29 43.03
C PRO B 448 4.50 -8.16 43.71
N MET B 449 3.17 -8.21 43.62
CA MET B 449 2.31 -7.20 44.21
C MET B 449 1.25 -7.89 45.08
N PRO B 450 1.68 -8.41 46.25
CA PRO B 450 0.85 -9.36 47.02
C PRO B 450 -0.40 -8.74 47.63
N THR B 451 -0.48 -7.41 47.70
CA THR B 451 -1.66 -6.80 48.33
C THR B 451 -2.81 -6.59 47.34
N VAL B 452 -2.59 -6.90 46.07
CA VAL B 452 -3.64 -6.75 45.06
C VAL B 452 -4.54 -8.00 45.00
N MET B 453 -5.78 -7.83 45.45
CA MET B 453 -6.74 -8.93 45.68
C MET B 453 -7.72 -9.11 44.53
N GLY B 454 -8.46 -10.22 44.56
CA GLY B 454 -9.52 -10.49 43.58
C GLY B 454 -9.35 -11.81 42.84
N SER B 455 -8.14 -12.37 42.91
CA SER B 455 -7.79 -13.59 42.22
C SER B 455 -7.02 -14.48 43.16
N ASP B 456 -6.85 -15.75 42.83
CA ASP B 456 -5.93 -16.58 43.59
C ASP B 456 -4.45 -16.31 43.20
N HIS B 457 -4.26 -15.54 42.12
CA HIS B 457 -2.94 -15.06 41.73
C HIS B 457 -2.85 -13.56 42.05
N CYS B 458 -1.65 -13.08 42.39
CA CYS B 458 -1.39 -11.64 42.48
C CYS B 458 -0.56 -11.24 41.26
N PRO B 459 -0.60 -9.96 40.88
CA PRO B 459 0.18 -9.52 39.74
C PRO B 459 1.69 -9.56 40.01
N PHE B 460 2.47 -9.58 38.94
CA PHE B 460 3.91 -9.43 39.04
C PHE B 460 4.29 -8.23 38.17
N GLN B 461 5.23 -7.40 38.63
CA GLN B 461 5.61 -6.16 37.90
C GLN B 461 7.08 -6.18 37.52
N MET B 462 7.39 -5.44 36.46
CA MET B 462 8.73 -5.38 35.89
C MET B 462 8.98 -4.01 35.27
N TRP B 463 10.20 -3.49 35.48
CA TRP B 463 10.60 -2.20 34.95
C TRP B 463 11.73 -2.39 33.94
N MET B 464 11.65 -1.72 32.79
CA MET B 464 12.72 -1.81 31.80
C MET B 464 13.24 -0.45 31.32
N ARG B 465 14.54 -0.24 31.45
CA ARG B 465 15.19 0.96 30.94
C ARG B 465 15.20 0.98 29.42
N HIS B 466 15.09 2.18 28.84
CA HIS B 466 15.18 2.33 27.38
C HIS B 466 15.83 3.66 26.97
N PRO B 467 16.52 3.67 25.81
CA PRO B 467 17.41 4.74 25.34
C PRO B 467 16.74 5.74 24.39
#